data_4K7D
#
_entry.id   4K7D
#
_cell.length_a   84.700
_cell.length_b   106.625
_cell.length_c   154.216
_cell.angle_alpha   90.000
_cell.angle_beta   90.000
_cell.angle_gamma   90.000
#
_symmetry.space_group_name_H-M   'P 21 21 21'
#
loop_
_entity.id
_entity.type
_entity.pdbx_description
1 polymer 'E3 ubiquitin-protein ligase parkin'
2 non-polymer 'ZINC ION'
3 non-polymer 'MALONATE ION'
4 non-polymer 'CHLORIDE ION'
5 water water
#
_entity_poly.entity_id   1
_entity_poly.type   'polypeptide(L)'
_entity_poly.pdbx_seq_one_letter_code
;GPLGSPTYHSFFVYCKGPCHKVQPGKLRVQCGTCRQATLTLAQGPSCWDDVLIPNRMSGECQSPDCPGTRAEFFFKCGAH
PTSDKDTSVALNLITNNSRSIPCIACTDVRNPVLVFQCNHRHVICLDCFHLYCVTRLNDRQFVHDAQLGYSLPCVAGCPN
SLIKELHHFRILGEEQYNRYQQYGAEECVLQMGGVLCPRPGCGAGLLPEQGQRKVTCEGGNGLGCGFVFCRDCKEAYHEG
ECDSMFEASGATSQAYRVDQRAAEQARWEEASKETIKKTTKPCPRCNVPIEKNGGCMHMKCPQPQCKLEWCWNCGCEWNR
ACMGDHWFDV
;
_entity_poly.pdbx_strand_id   A,B,C
#
# COMPACT_ATOMS: atom_id res chain seq x y z
N SER A 5 -28.12 34.05 -1.09
CA SER A 5 -28.64 32.97 -1.93
C SER A 5 -27.69 31.78 -2.05
N PRO A 6 -28.19 30.55 -1.83
CA PRO A 6 -27.41 29.34 -2.14
C PRO A 6 -27.25 29.22 -3.65
N THR A 7 -26.26 28.47 -4.12
CA THR A 7 -26.05 28.37 -5.57
C THR A 7 -27.13 27.50 -6.21
N TYR A 8 -27.59 27.92 -7.37
CA TYR A 8 -28.61 27.18 -8.11
C TYR A 8 -27.92 26.22 -9.08
N HIS A 9 -28.07 24.92 -8.81
CA HIS A 9 -27.43 23.89 -9.63
C HIS A 9 -28.40 23.20 -10.55
N SER A 10 -28.16 23.35 -11.84
CA SER A 10 -28.95 22.67 -12.84
C SER A 10 -28.38 21.30 -13.17
N PHE A 11 -27.08 21.11 -12.89
CA PHE A 11 -26.39 19.92 -13.39
C PHE A 11 -25.81 19.05 -12.29
N PHE A 12 -25.92 17.74 -12.47
CA PHE A 12 -25.33 16.80 -11.51
C PHE A 12 -24.56 15.71 -12.25
N VAL A 13 -23.37 15.41 -11.72
CA VAL A 13 -22.46 14.47 -12.34
C VAL A 13 -22.00 13.44 -11.33
N TYR A 14 -21.53 12.29 -11.79
CA TYR A 14 -20.87 11.36 -10.87
C TYR A 14 -19.37 11.54 -10.97
N CYS A 15 -18.75 11.86 -9.84
CA CYS A 15 -17.32 12.11 -9.81
C CYS A 15 -16.57 10.84 -9.41
N LYS A 16 -15.66 10.39 -10.27
CA LYS A 16 -14.90 9.17 -10.04
C LYS A 16 -13.86 9.31 -8.94
N GLY A 17 -13.61 10.54 -8.50
CA GLY A 17 -12.55 10.80 -7.54
C GLY A 17 -12.09 12.25 -7.64
N PRO A 18 -11.80 12.87 -6.49
CA PRO A 18 -11.72 12.21 -5.19
C PRO A 18 -13.05 12.04 -4.49
N CYS A 19 -14.14 12.45 -5.13
CA CYS A 19 -15.44 12.48 -4.49
C CYS A 19 -16.09 11.11 -4.36
N HIS A 20 -16.10 10.36 -5.47
CA HIS A 20 -16.68 9.03 -5.49
C HIS A 20 -18.16 9.05 -5.13
N LYS A 21 -18.87 10.08 -5.58
CA LYS A 21 -20.30 10.18 -5.37
C LYS A 21 -20.89 11.19 -6.31
N VAL A 22 -22.19 11.43 -6.20
CA VAL A 22 -22.84 12.43 -7.05
C VAL A 22 -22.59 13.82 -6.45
N GLN A 23 -22.17 14.75 -7.30
CA GLN A 23 -21.93 16.14 -6.90
C GLN A 23 -22.53 17.08 -7.94
N PRO A 24 -22.90 18.31 -7.52
CA PRO A 24 -23.28 19.31 -8.52
C PRO A 24 -22.13 19.48 -9.50
N GLY A 25 -22.45 19.76 -10.76
CA GLY A 25 -21.41 19.86 -11.76
C GLY A 25 -21.34 21.20 -12.45
N LYS A 26 -20.30 21.39 -13.24
CA LYS A 26 -20.16 22.61 -14.03
C LYS A 26 -20.25 22.26 -15.50
N LEU A 27 -20.97 23.06 -16.27
CA LEU A 27 -21.06 22.80 -17.70
C LEU A 27 -20.02 23.62 -18.45
N ARG A 28 -19.31 22.98 -19.37
CA ARG A 28 -18.27 23.65 -20.14
C ARG A 28 -18.40 23.34 -21.62
N VAL A 29 -17.77 24.16 -22.45
CA VAL A 29 -17.78 23.92 -23.89
C VAL A 29 -16.40 24.19 -24.50
N GLN A 30 -16.05 23.42 -25.52
CA GLN A 30 -14.79 23.63 -26.24
C GLN A 30 -14.96 23.38 -27.74
N CYS A 31 -14.02 23.88 -28.53
CA CYS A 31 -14.01 23.65 -29.97
C CYS A 31 -13.78 22.18 -30.29
N GLY A 32 -14.71 21.57 -31.02
CA GLY A 32 -14.62 20.17 -31.38
C GLY A 32 -13.44 19.82 -32.27
N THR A 33 -12.76 20.83 -32.78
CA THR A 33 -11.57 20.63 -33.60
C THR A 33 -10.30 20.64 -32.77
N CYS A 34 -10.04 21.77 -32.11
CA CYS A 34 -8.78 21.95 -31.38
C CYS A 34 -8.87 21.59 -29.89
N ARG A 35 -10.08 21.38 -29.40
CA ARG A 35 -10.33 21.04 -27.98
C ARG A 35 -9.82 22.10 -27.00
N GLN A 36 -10.17 23.36 -27.29
CA GLN A 36 -9.79 24.51 -26.44
C GLN A 36 -11.04 25.29 -26.03
N ALA A 37 -11.00 25.94 -24.87
CA ALA A 37 -12.17 26.66 -24.37
C ALA A 37 -12.35 28.02 -25.06
N THR A 38 -12.32 28.00 -26.38
CA THR A 38 -12.38 29.21 -27.19
C THR A 38 -13.52 29.14 -28.20
N LEU A 39 -14.45 28.21 -27.97
CA LEU A 39 -15.61 28.10 -28.85
C LEU A 39 -16.71 29.08 -28.42
N THR A 40 -16.93 30.09 -29.24
CA THR A 40 -17.96 31.08 -28.96
C THR A 40 -19.27 30.68 -29.61
N LEU A 41 -20.34 30.64 -28.82
CA LEU A 41 -21.67 30.30 -29.33
C LEU A 41 -22.47 31.54 -29.72
N ALA A 42 -23.18 31.46 -30.83
CA ALA A 42 -24.09 32.54 -31.21
C ALA A 42 -25.21 32.64 -30.18
N GLN A 43 -25.63 31.49 -29.67
CA GLN A 43 -26.68 31.40 -28.66
C GLN A 43 -26.46 30.15 -27.82
N GLY A 44 -26.57 30.28 -26.51
CA GLY A 44 -26.28 29.19 -25.60
C GLY A 44 -27.28 28.05 -25.62
N PRO A 45 -26.91 26.92 -24.99
CA PRO A 45 -27.76 25.73 -24.89
C PRO A 45 -29.06 26.02 -24.16
N SER A 46 -30.12 25.26 -24.44
CA SER A 46 -31.40 25.44 -23.78
C SER A 46 -31.96 24.15 -23.17
N CYS A 47 -31.38 23.02 -23.54
CA CYS A 47 -31.87 21.73 -23.04
C CYS A 47 -30.78 20.70 -23.01
N TRP A 48 -31.08 19.54 -22.44
CA TRP A 48 -30.12 18.45 -22.40
C TRP A 48 -29.71 17.98 -23.81
N ASP A 49 -30.66 17.94 -24.73
CA ASP A 49 -30.36 17.54 -26.11
C ASP A 49 -29.25 18.39 -26.72
N ASP A 50 -29.23 19.68 -26.38
CA ASP A 50 -28.25 20.62 -26.92
C ASP A 50 -26.82 20.27 -26.49
N VAL A 51 -26.70 19.69 -25.29
CA VAL A 51 -25.39 19.41 -24.72
C VAL A 51 -24.96 17.94 -24.77
N LEU A 52 -25.92 17.03 -24.87
CA LEU A 52 -25.62 15.59 -24.91
C LEU A 52 -25.41 15.03 -26.32
N ILE A 53 -26.17 15.53 -27.28
CA ILE A 53 -26.07 15.05 -28.65
C ILE A 53 -24.91 15.73 -29.40
N PRO A 54 -23.97 14.91 -29.92
CA PRO A 54 -22.81 15.47 -30.63
C PRO A 54 -23.21 16.32 -31.82
N ASN A 55 -22.49 17.41 -32.06
CA ASN A 55 -22.69 18.29 -33.22
C ASN A 55 -24.07 18.98 -33.30
N ARG A 56 -24.86 18.88 -32.23
CA ARG A 56 -26.17 19.53 -32.17
C ARG A 56 -26.04 21.05 -32.26
N MET A 57 -25.02 21.62 -31.64
CA MET A 57 -24.82 23.07 -31.66
C MET A 57 -23.56 23.50 -32.39
N SER A 58 -23.51 24.79 -32.74
CA SER A 58 -22.43 25.32 -33.54
C SER A 58 -22.02 26.71 -33.08
N GLY A 59 -20.84 27.13 -33.51
CA GLY A 59 -20.32 28.44 -33.16
C GLY A 59 -19.06 28.69 -33.95
N GLU A 60 -18.22 29.58 -33.45
CA GLU A 60 -16.97 29.89 -34.13
C GLU A 60 -15.81 29.91 -33.13
N CYS A 61 -14.71 29.27 -33.50
CA CYS A 61 -13.57 29.15 -32.61
C CYS A 61 -12.68 30.38 -32.67
N GLN A 62 -12.47 31.00 -31.51
CA GLN A 62 -11.68 32.23 -31.45
C GLN A 62 -10.18 31.98 -31.50
N SER A 63 -9.78 30.71 -31.36
CA SER A 63 -8.36 30.34 -31.42
C SER A 63 -7.76 30.80 -32.73
N PRO A 64 -6.51 31.30 -32.68
CA PRO A 64 -5.77 31.71 -33.87
C PRO A 64 -5.59 30.54 -34.85
N ASP A 65 -6.00 30.76 -36.10
CA ASP A 65 -5.87 29.76 -37.17
C ASP A 65 -6.63 28.47 -36.91
N CYS A 66 -7.79 28.57 -36.29
CA CYS A 66 -8.65 27.41 -36.16
C CYS A 66 -9.99 27.66 -36.84
N PRO A 67 -10.41 26.71 -37.70
CA PRO A 67 -11.64 26.77 -38.49
C PRO A 67 -12.79 26.02 -37.83
N GLY A 68 -12.55 25.50 -36.62
CA GLY A 68 -13.55 24.70 -35.94
C GLY A 68 -14.84 25.45 -35.71
N THR A 69 -15.96 24.72 -35.71
CA THR A 69 -17.27 25.32 -35.51
C THR A 69 -18.13 24.42 -34.64
N ARG A 70 -17.63 23.22 -34.37
CA ARG A 70 -18.41 22.26 -33.60
C ARG A 70 -18.33 22.57 -32.10
N ALA A 71 -19.49 22.74 -31.47
CA ALA A 71 -19.53 22.94 -30.03
C ALA A 71 -19.51 21.60 -29.30
N GLU A 72 -18.48 21.39 -28.50
CA GLU A 72 -18.34 20.16 -27.73
C GLU A 72 -18.54 20.43 -26.24
N PHE A 73 -19.59 19.87 -25.67
CA PHE A 73 -19.92 20.08 -24.26
C PHE A 73 -19.41 18.95 -23.39
N PHE A 74 -18.95 19.29 -22.20
CA PHE A 74 -18.61 18.29 -21.18
C PHE A 74 -18.89 18.87 -19.80
N PHE A 75 -18.92 18.02 -18.79
CA PHE A 75 -19.14 18.48 -17.43
C PHE A 75 -17.94 18.17 -16.52
N LYS A 76 -17.85 18.90 -15.41
CA LYS A 76 -16.80 18.69 -14.42
C LYS A 76 -17.45 18.64 -13.06
N CYS A 77 -16.79 17.99 -12.10
CA CYS A 77 -17.26 18.04 -10.71
C CYS A 77 -17.16 19.47 -10.19
N GLY A 78 -18.11 19.87 -9.37
CA GLY A 78 -18.12 21.21 -8.81
C GLY A 78 -17.59 21.31 -7.38
N ALA A 79 -17.27 20.18 -6.80
CA ALA A 79 -16.80 20.10 -5.43
C ALA A 79 -15.43 20.70 -5.16
N HIS A 80 -14.57 20.69 -6.17
CA HIS A 80 -13.19 21.04 -5.98
C HIS A 80 -12.61 21.52 -7.26
N PRO A 81 -11.35 22.13 -7.16
CA PRO A 81 -10.80 22.52 -8.47
C PRO A 81 -10.52 21.29 -9.33
N THR A 82 -10.60 21.47 -10.65
CA THR A 82 -10.54 20.36 -11.59
C THR A 82 -9.85 20.84 -12.84
N SER A 83 -9.00 19.99 -13.42
CA SER A 83 -8.46 20.21 -14.74
C SER A 83 -9.59 20.22 -15.78
N ASP A 84 -9.33 20.78 -16.96
CA ASP A 84 -10.32 20.74 -18.04
C ASP A 84 -10.30 19.36 -18.71
N LYS A 85 -9.40 18.49 -18.25
CA LYS A 85 -9.35 17.12 -18.76
C LYS A 85 -10.13 16.18 -17.84
N ASP A 86 -10.29 16.60 -16.59
CA ASP A 86 -10.97 15.81 -15.57
C ASP A 86 -12.50 15.92 -15.72
N THR A 87 -13.03 15.30 -16.77
CA THR A 87 -14.46 15.36 -17.06
C THR A 87 -15.24 14.32 -16.25
N SER A 88 -16.51 14.61 -16.00
CA SER A 88 -17.39 13.65 -15.37
C SER A 88 -18.66 13.46 -16.20
N VAL A 89 -19.28 12.29 -16.06
CA VAL A 89 -20.49 12.00 -16.81
C VAL A 89 -21.68 12.73 -16.19
N ALA A 90 -22.56 13.24 -17.05
CA ALA A 90 -23.75 13.95 -16.58
C ALA A 90 -24.89 12.97 -16.29
N LEU A 91 -25.46 13.09 -15.10
CA LEU A 91 -26.64 12.33 -14.73
C LEU A 91 -27.88 13.10 -15.17
N ASN A 92 -28.13 13.12 -16.48
CA ASN A 92 -29.12 14.00 -17.08
C ASN A 92 -30.54 13.84 -16.56
N LEU A 93 -30.82 12.77 -15.84
CA LEU A 93 -32.16 12.63 -15.27
C LEU A 93 -32.30 13.50 -14.02
N ILE A 94 -31.20 13.65 -13.28
CA ILE A 94 -31.22 14.42 -12.04
C ILE A 94 -31.56 15.88 -12.32
N THR A 95 -32.50 16.42 -11.55
CA THR A 95 -33.11 17.69 -11.88
C THR A 95 -33.18 18.58 -10.64
N ASN A 96 -33.02 19.89 -10.85
CA ASN A 96 -33.22 20.85 -9.78
C ASN A 96 -34.72 20.95 -9.46
N ASN A 97 -35.09 20.62 -8.23
CA ASN A 97 -36.50 20.65 -7.84
C ASN A 97 -37.00 22.07 -7.59
N SER A 98 -37.00 22.89 -8.65
CA SER A 98 -37.53 24.25 -8.59
C SER A 98 -38.99 24.21 -8.19
N ARG A 99 -39.72 23.30 -8.84
CA ARG A 99 -41.17 23.20 -8.74
C ARG A 99 -41.68 22.59 -7.43
N SER A 100 -40.76 22.17 -6.57
CA SER A 100 -41.09 21.60 -5.27
C SER A 100 -42.05 20.39 -5.33
N ILE A 101 -41.95 19.62 -6.40
CA ILE A 101 -42.75 18.41 -6.56
C ILE A 101 -42.35 17.37 -5.51
N PRO A 102 -43.35 16.76 -4.84
CA PRO A 102 -43.10 15.78 -3.77
C PRO A 102 -42.56 14.47 -4.32
N CYS A 103 -41.83 13.71 -3.49
CA CYS A 103 -41.34 12.41 -3.93
C CYS A 103 -42.48 11.42 -4.07
N ILE A 104 -42.27 10.41 -4.91
CA ILE A 104 -43.31 9.42 -5.17
C ILE A 104 -43.33 8.34 -4.09
N ALA A 105 -42.31 8.31 -3.24
CA ALA A 105 -42.16 7.23 -2.29
C ALA A 105 -42.32 7.69 -0.85
N CYS A 106 -41.61 8.76 -0.49
CA CYS A 106 -41.68 9.28 0.87
C CYS A 106 -42.49 10.58 0.96
N THR A 107 -42.97 11.07 -0.19
CA THR A 107 -43.74 12.32 -0.29
C THR A 107 -43.07 13.55 0.33
N ASP A 108 -41.76 13.51 0.47
CA ASP A 108 -41.00 14.68 0.94
C ASP A 108 -40.53 15.49 -0.25
N VAL A 109 -40.39 16.79 -0.04
CA VAL A 109 -39.86 17.69 -1.07
C VAL A 109 -38.35 17.81 -0.86
N ARG A 110 -37.58 17.34 -1.83
CA ARG A 110 -36.12 17.33 -1.72
C ARG A 110 -35.48 17.93 -2.97
N ASN A 111 -34.17 18.12 -2.90
CA ASN A 111 -33.41 18.64 -4.03
C ASN A 111 -31.98 18.13 -3.94
N PRO A 112 -31.47 17.56 -5.04
CA PRO A 112 -32.19 17.44 -6.30
C PRO A 112 -33.03 16.17 -6.37
N VAL A 113 -33.64 15.93 -7.51
CA VAL A 113 -34.48 14.75 -7.68
C VAL A 113 -34.26 14.11 -9.05
N LEU A 114 -34.56 12.82 -9.16
CA LEU A 114 -34.50 12.15 -10.46
C LEU A 114 -35.89 12.12 -11.10
N VAL A 115 -35.97 12.53 -12.36
CA VAL A 115 -37.23 12.55 -13.10
C VAL A 115 -37.21 11.52 -14.23
N PHE A 116 -38.04 10.49 -14.12
CA PHE A 116 -38.09 9.47 -15.16
C PHE A 116 -38.59 10.02 -16.49
N GLN A 117 -38.31 9.30 -17.58
CA GLN A 117 -38.66 9.74 -18.90
C GLN A 117 -39.96 9.10 -19.42
N CYS A 118 -40.76 8.57 -18.51
CA CYS A 118 -42.09 8.10 -18.86
C CYS A 118 -43.00 9.28 -19.22
N ASN A 119 -44.23 9.00 -19.63
CA ASN A 119 -45.16 10.05 -20.07
C ASN A 119 -45.59 10.98 -18.92
N HIS A 120 -45.82 10.39 -17.75
CA HIS A 120 -46.23 11.14 -16.58
C HIS A 120 -45.07 11.90 -15.95
N ARG A 121 -43.85 11.49 -16.31
CA ARG A 121 -42.63 12.10 -15.79
C ARG A 121 -42.61 12.11 -14.27
N HIS A 122 -42.69 10.92 -13.67
CA HIS A 122 -42.73 10.81 -12.22
C HIS A 122 -41.42 11.26 -11.60
N VAL A 123 -41.51 11.68 -10.33
CA VAL A 123 -40.37 12.24 -9.64
C VAL A 123 -40.02 11.40 -8.42
N ILE A 124 -38.72 11.22 -8.18
CA ILE A 124 -38.27 10.43 -7.04
C ILE A 124 -36.98 11.03 -6.49
N CYS A 125 -36.83 11.01 -5.16
CA CYS A 125 -35.67 11.60 -4.53
C CYS A 125 -34.49 10.62 -4.57
N LEU A 126 -33.27 11.14 -4.37
CA LEU A 126 -32.09 10.31 -4.59
C LEU A 126 -31.96 9.23 -3.55
N ASP A 127 -32.46 9.49 -2.35
CA ASP A 127 -32.41 8.50 -1.29
C ASP A 127 -33.38 7.35 -1.58
N CYS A 128 -34.54 7.69 -2.14
CA CYS A 128 -35.53 6.67 -2.48
C CYS A 128 -35.18 5.96 -3.80
N PHE A 129 -34.42 6.63 -4.67
CA PHE A 129 -33.99 6.00 -5.90
C PHE A 129 -32.93 4.97 -5.59
N HIS A 130 -32.12 5.26 -4.58
CA HIS A 130 -31.13 4.32 -4.09
C HIS A 130 -31.83 3.05 -3.61
N LEU A 131 -32.86 3.21 -2.78
CA LEU A 131 -33.56 2.10 -2.17
C LEU A 131 -34.20 1.18 -3.22
N TYR A 132 -34.84 1.82 -4.20
CA TYR A 132 -35.49 1.12 -5.31
C TYR A 132 -34.47 0.29 -6.06
N CYS A 133 -33.29 0.87 -6.30
CA CYS A 133 -32.23 0.18 -7.01
C CYS A 133 -31.67 -1.01 -6.23
N VAL A 134 -31.44 -0.82 -4.94
CA VAL A 134 -30.80 -1.86 -4.13
C VAL A 134 -31.75 -3.05 -3.94
N THR A 135 -33.04 -2.75 -3.81
CA THR A 135 -34.06 -3.77 -3.66
C THR A 135 -34.12 -4.61 -4.93
N ARG A 136 -34.32 -3.93 -6.06
CA ARG A 136 -34.39 -4.58 -7.36
C ARG A 136 -33.14 -5.42 -7.63
N LEU A 137 -32.00 -4.93 -7.17
CA LEU A 137 -30.74 -5.65 -7.33
C LEU A 137 -30.68 -6.89 -6.45
N ASN A 138 -31.20 -6.81 -5.23
CA ASN A 138 -31.18 -7.96 -4.33
C ASN A 138 -32.21 -9.02 -4.71
N ASP A 139 -33.39 -8.58 -5.13
CA ASP A 139 -34.44 -9.49 -5.58
C ASP A 139 -34.17 -9.95 -7.02
N ARG A 140 -33.04 -9.50 -7.56
CA ARG A 140 -32.63 -9.82 -8.93
C ARG A 140 -33.80 -9.59 -9.89
N GLN A 141 -34.20 -8.33 -9.98
CA GLN A 141 -35.35 -7.94 -10.80
C GLN A 141 -35.02 -6.75 -11.70
N PHE A 142 -33.79 -6.70 -12.18
CA PHE A 142 -33.45 -5.73 -13.20
C PHE A 142 -34.01 -6.22 -14.54
N VAL A 143 -34.31 -5.29 -15.43
CA VAL A 143 -34.87 -5.61 -16.73
C VAL A 143 -33.78 -5.67 -17.80
N HIS A 144 -33.66 -6.80 -18.48
CA HIS A 144 -32.71 -6.91 -19.59
C HIS A 144 -33.23 -6.11 -20.78
N ASP A 145 -32.31 -5.51 -21.52
CA ASP A 145 -32.67 -4.69 -22.66
C ASP A 145 -31.91 -5.21 -23.85
N ALA A 146 -32.34 -4.82 -25.04
CA ALA A 146 -31.85 -5.47 -26.24
C ALA A 146 -30.49 -4.92 -26.60
N GLN A 147 -29.48 -5.48 -25.96
CA GLN A 147 -28.10 -5.13 -26.25
C GLN A 147 -27.76 -3.82 -25.58
N LEU A 148 -28.70 -3.31 -24.77
CA LEU A 148 -28.46 -2.08 -24.03
C LEU A 148 -27.79 -2.40 -22.71
N GLY A 149 -28.33 -3.40 -22.02
CA GLY A 149 -27.81 -3.82 -20.74
C GLY A 149 -28.95 -3.92 -19.74
N TYR A 150 -28.61 -3.95 -18.46
CA TYR A 150 -29.63 -4.02 -17.42
C TYR A 150 -29.99 -2.63 -16.90
N SER A 151 -31.28 -2.31 -16.91
CA SER A 151 -31.75 -1.02 -16.43
C SER A 151 -32.97 -1.21 -15.51
N LEU A 152 -33.57 -0.11 -15.09
CA LEU A 152 -34.85 -0.13 -14.39
C LEU A 152 -35.78 0.88 -15.06
N PRO A 153 -37.09 0.63 -14.98
CA PRO A 153 -38.10 1.60 -15.46
C PRO A 153 -38.54 2.46 -14.28
N CYS A 154 -39.39 3.44 -14.53
CA CYS A 154 -40.02 4.20 -13.45
C CYS A 154 -40.58 3.29 -12.35
N VAL A 155 -40.48 3.74 -11.11
CA VAL A 155 -40.92 2.96 -9.96
C VAL A 155 -42.44 2.71 -9.98
N ALA A 156 -43.17 3.53 -10.74
CA ALA A 156 -44.61 3.36 -10.91
C ALA A 156 -44.91 2.13 -11.75
N GLY A 157 -43.92 1.68 -12.51
CA GLY A 157 -44.09 0.54 -13.40
C GLY A 157 -44.48 1.00 -14.80
N CYS A 158 -44.38 2.31 -15.04
CA CYS A 158 -44.71 2.88 -16.34
C CYS A 158 -43.99 2.16 -17.49
N PRO A 159 -44.57 2.21 -18.68
CA PRO A 159 -43.90 1.68 -19.88
C PRO A 159 -43.02 2.76 -20.52
N ASN A 160 -42.09 2.35 -21.38
CA ASN A 160 -41.18 3.28 -22.04
C ASN A 160 -40.50 4.22 -21.07
N SER A 161 -40.01 3.65 -19.97
CA SER A 161 -39.43 4.45 -18.91
C SER A 161 -38.09 3.87 -18.45
N LEU A 162 -37.54 2.95 -19.22
CA LEU A 162 -36.22 2.40 -18.90
C LEU A 162 -35.15 3.48 -18.95
N ILE A 163 -34.30 3.51 -17.94
CA ILE A 163 -33.18 4.45 -17.88
C ILE A 163 -32.13 4.08 -18.94
N LYS A 164 -31.93 4.97 -19.91
CA LYS A 164 -31.00 4.71 -21.02
C LYS A 164 -29.57 5.03 -20.60
N GLU A 165 -29.42 5.95 -19.67
CA GLU A 165 -28.11 6.42 -19.24
C GLU A 165 -27.63 5.62 -18.03
N LEU A 166 -26.96 4.50 -18.29
CA LEU A 166 -26.67 3.50 -17.28
C LEU A 166 -25.80 3.99 -16.15
N HIS A 167 -25.13 5.12 -16.36
CA HIS A 167 -24.29 5.69 -15.32
CA HIS A 167 -24.29 5.69 -15.32
C HIS A 167 -25.11 6.21 -14.13
N HIS A 168 -26.42 6.35 -14.33
CA HIS A 168 -27.30 6.73 -13.23
C HIS A 168 -27.29 5.69 -12.13
N PHE A 169 -26.73 4.53 -12.40
CA PHE A 169 -26.64 3.53 -11.36
C PHE A 169 -25.41 3.71 -10.48
N ARG A 170 -24.56 4.68 -10.83
CA ARG A 170 -23.39 4.98 -10.02
C ARG A 170 -23.80 5.48 -8.65
N ILE A 171 -24.95 6.14 -8.59
CA ILE A 171 -25.47 6.70 -7.36
C ILE A 171 -25.75 5.64 -6.28
N LEU A 172 -25.56 4.38 -6.63
CA LEU A 172 -25.74 3.31 -5.66
C LEU A 172 -24.54 3.22 -4.73
N GLY A 173 -23.41 3.76 -5.17
CA GLY A 173 -22.17 3.60 -4.44
C GLY A 173 -21.33 2.48 -5.04
N GLU A 174 -20.02 2.54 -4.84
CA GLU A 174 -19.10 1.63 -5.50
C GLU A 174 -19.41 0.14 -5.29
N GLU A 175 -19.82 -0.21 -4.06
CA GLU A 175 -20.13 -1.61 -3.76
C GLU A 175 -21.33 -2.09 -4.59
N GLN A 176 -22.46 -1.40 -4.44
CA GLN A 176 -23.67 -1.78 -5.14
C GLN A 176 -23.50 -1.63 -6.65
N TYR A 177 -22.82 -0.58 -7.08
CA TYR A 177 -22.59 -0.40 -8.50
C TYR A 177 -21.76 -1.55 -9.11
N ASN A 178 -20.74 -2.02 -8.38
CA ASN A 178 -19.93 -3.15 -8.84
C ASN A 178 -20.76 -4.41 -9.06
N ARG A 179 -21.64 -4.68 -8.10
CA ARG A 179 -22.62 -5.74 -8.22
C ARG A 179 -23.46 -5.59 -9.48
N TYR A 180 -23.99 -4.39 -9.70
CA TYR A 180 -24.83 -4.14 -10.86
C TYR A 180 -24.08 -4.38 -12.17
N GLN A 181 -22.82 -4.02 -12.19
CA GLN A 181 -22.02 -4.18 -13.40
C GLN A 181 -21.84 -5.68 -13.66
N GLN A 182 -21.81 -6.44 -12.56
CA GLN A 182 -21.62 -7.89 -12.64
C GLN A 182 -22.94 -8.65 -12.71
N TYR A 183 -24.04 -7.92 -12.90
CA TYR A 183 -25.37 -8.52 -12.89
C TYR A 183 -25.49 -9.53 -14.02
N GLY A 184 -25.05 -9.12 -15.21
CA GLY A 184 -25.18 -9.96 -16.39
C GLY A 184 -24.42 -11.26 -16.29
N ALA A 185 -23.19 -11.19 -15.80
CA ALA A 185 -22.36 -12.37 -15.62
C ALA A 185 -22.96 -13.32 -14.57
N GLU A 186 -23.63 -12.78 -13.57
CA GLU A 186 -24.34 -13.63 -12.62
C GLU A 186 -25.53 -14.29 -13.27
N GLU A 187 -26.28 -13.53 -14.06
CA GLU A 187 -27.46 -14.08 -14.69
C GLU A 187 -27.06 -15.20 -15.63
N CYS A 188 -25.95 -15.00 -16.32
CA CYS A 188 -25.53 -15.97 -17.32
C CYS A 188 -24.97 -17.25 -16.73
N VAL A 189 -24.22 -17.15 -15.65
CA VAL A 189 -23.78 -18.32 -14.92
C VAL A 189 -24.99 -19.19 -14.55
N LEU A 190 -26.07 -18.56 -14.08
CA LEU A 190 -27.24 -19.32 -13.66
C LEU A 190 -27.96 -19.95 -14.83
N GLN A 191 -27.99 -19.25 -15.96
CA GLN A 191 -28.62 -19.77 -17.16
C GLN A 191 -27.84 -20.93 -17.75
N MET A 192 -26.54 -20.97 -17.47
CA MET A 192 -25.73 -22.08 -17.93
C MET A 192 -25.84 -23.26 -16.96
N GLY A 193 -26.78 -23.17 -16.02
CA GLY A 193 -26.98 -24.25 -15.05
C GLY A 193 -25.96 -24.22 -13.93
N GLY A 194 -25.23 -23.11 -13.82
CA GLY A 194 -24.28 -22.92 -12.74
C GLY A 194 -24.98 -22.61 -11.44
N VAL A 195 -24.20 -22.21 -10.43
CA VAL A 195 -24.74 -21.90 -9.11
C VAL A 195 -23.87 -20.83 -8.43
N LEU A 196 -24.47 -20.03 -7.55
CA LEU A 196 -23.72 -19.02 -6.81
C LEU A 196 -23.30 -19.56 -5.45
N CYS A 197 -22.11 -19.18 -4.99
CA CYS A 197 -21.70 -19.56 -3.65
C CYS A 197 -22.72 -19.05 -2.63
N PRO A 198 -23.27 -19.97 -1.83
CA PRO A 198 -24.29 -19.62 -0.85
C PRO A 198 -23.80 -18.60 0.17
N ARG A 199 -22.49 -18.52 0.42
CA ARG A 199 -21.96 -17.55 1.39
C ARG A 199 -22.08 -16.10 0.92
N PRO A 200 -22.91 -15.31 1.61
CA PRO A 200 -23.32 -13.94 1.24
C PRO A 200 -22.17 -12.99 0.97
N GLY A 201 -21.09 -13.18 1.70
CA GLY A 201 -19.82 -12.51 1.52
C GLY A 201 -19.15 -12.82 0.22
N CYS A 202 -19.27 -14.05 -0.22
CA CYS A 202 -18.57 -14.49 -1.42
C CYS A 202 -19.43 -14.42 -2.67
N GLY A 203 -20.44 -15.28 -2.75
CA GLY A 203 -21.34 -15.29 -3.88
C GLY A 203 -20.70 -15.45 -5.24
N ALA A 204 -19.65 -16.25 -5.33
CA ALA A 204 -18.97 -16.46 -6.60
C ALA A 204 -19.85 -17.22 -7.58
N GLY A 205 -19.72 -16.89 -8.87
CA GLY A 205 -20.42 -17.64 -9.89
C GLY A 205 -19.66 -18.90 -10.28
N LEU A 206 -20.20 -20.06 -9.93
CA LEU A 206 -19.49 -21.33 -10.14
C LEU A 206 -20.14 -22.20 -11.20
N LEU A 207 -19.31 -22.92 -11.94
CA LEU A 207 -19.80 -23.83 -12.98
C LEU A 207 -19.26 -25.24 -12.76
N PRO A 208 -19.74 -25.91 -11.72
CA PRO A 208 -19.25 -27.26 -11.44
C PRO A 208 -19.74 -28.25 -12.51
N GLU A 209 -19.12 -29.42 -12.56
CA GLU A 209 -19.54 -30.50 -13.45
C GLU A 209 -21.05 -30.71 -13.42
N GLN A 210 -21.64 -30.85 -14.59
CA GLN A 210 -23.07 -31.09 -14.69
C GLN A 210 -23.43 -32.39 -13.97
N GLY A 211 -24.46 -32.34 -13.14
CA GLY A 211 -24.88 -33.51 -12.39
C GLY A 211 -24.28 -33.55 -11.00
N GLN A 212 -23.05 -33.06 -10.88
CA GLN A 212 -22.30 -33.07 -9.62
C GLN A 212 -23.00 -32.30 -8.49
N ARG A 213 -23.27 -32.99 -7.39
CA ARG A 213 -24.01 -32.41 -6.27
C ARG A 213 -23.06 -31.70 -5.31
N LYS A 214 -21.83 -32.20 -5.23
CA LYS A 214 -20.83 -31.63 -4.35
C LYS A 214 -20.10 -30.52 -5.08
N VAL A 215 -20.21 -29.30 -4.58
CA VAL A 215 -19.63 -28.16 -5.28
C VAL A 215 -18.64 -27.46 -4.37
N THR A 216 -17.47 -27.17 -4.90
CA THR A 216 -16.47 -26.44 -4.13
C THR A 216 -16.32 -25.04 -4.71
N CYS A 217 -16.38 -24.04 -3.86
CA CYS A 217 -16.23 -22.67 -4.32
C CYS A 217 -14.78 -22.40 -4.72
N GLU A 218 -14.48 -22.65 -5.99
CA GLU A 218 -13.17 -22.39 -6.58
C GLU A 218 -13.37 -22.08 -8.06
N GLY A 219 -12.34 -21.58 -8.73
CA GLY A 219 -12.47 -21.27 -10.14
C GLY A 219 -11.30 -20.60 -10.82
N GLY A 220 -11.61 -19.82 -11.86
CA GLY A 220 -10.62 -19.20 -12.71
C GLY A 220 -9.79 -18.10 -12.07
N ASN A 221 -8.48 -18.30 -12.10
CA ASN A 221 -7.49 -17.33 -11.63
C ASN A 221 -7.43 -17.07 -10.13
N GLY A 222 -7.75 -18.08 -9.32
CA GLY A 222 -7.64 -17.96 -7.88
C GLY A 222 -8.95 -17.60 -7.20
N LEU A 223 -10.00 -17.45 -8.00
CA LEU A 223 -11.31 -17.13 -7.48
C LEU A 223 -11.79 -18.26 -6.57
N GLY A 224 -12.47 -17.91 -5.47
CA GLY A 224 -13.07 -18.91 -4.63
C GLY A 224 -12.82 -18.72 -3.15
N CYS A 225 -13.73 -19.23 -2.32
CA CYS A 225 -13.64 -19.08 -0.88
C CYS A 225 -13.43 -20.42 -0.19
N GLY A 226 -13.54 -21.50 -0.95
CA GLY A 226 -13.17 -22.81 -0.44
C GLY A 226 -14.32 -23.53 0.25
N PHE A 227 -15.48 -22.88 0.27
CA PHE A 227 -16.64 -23.48 0.89
C PHE A 227 -17.09 -24.69 0.07
N VAL A 228 -17.56 -25.71 0.76
CA VAL A 228 -17.94 -26.95 0.10
C VAL A 228 -19.36 -27.29 0.48
N PHE A 229 -20.26 -27.22 -0.49
CA PHE A 229 -21.68 -27.25 -0.19
C PHE A 229 -22.44 -28.18 -1.12
N CYS A 230 -23.65 -28.54 -0.70
CA CYS A 230 -24.56 -29.29 -1.55
C CYS A 230 -25.27 -28.35 -2.49
N ARG A 231 -25.40 -28.77 -3.73
CA ARG A 231 -25.90 -27.92 -4.78
C ARG A 231 -27.43 -27.77 -4.74
N ASP A 232 -28.08 -28.66 -4.02
CA ASP A 232 -29.54 -28.70 -4.04
C ASP A 232 -30.17 -27.83 -2.94
N CYS A 233 -29.61 -27.90 -1.74
CA CYS A 233 -30.17 -27.18 -0.59
C CYS A 233 -29.31 -25.98 -0.21
N LYS A 234 -28.15 -25.86 -0.85
CA LYS A 234 -27.19 -24.78 -0.59
C LYS A 234 -26.53 -24.81 0.79
N GLU A 235 -26.79 -25.87 1.56
CA GLU A 235 -26.19 -25.97 2.89
C GLU A 235 -24.79 -26.59 2.71
N ALA A 236 -24.00 -26.65 3.78
CA ALA A 236 -22.69 -27.30 3.69
C ALA A 236 -22.87 -28.75 3.23
N TYR A 237 -21.84 -29.31 2.60
CA TYR A 237 -21.99 -30.63 1.97
C TYR A 237 -22.31 -31.76 2.95
N HIS A 238 -23.45 -32.41 2.73
CA HIS A 238 -23.90 -33.51 3.56
C HIS A 238 -23.89 -34.83 2.79
N GLU A 239 -23.53 -35.89 3.49
CA GLU A 239 -23.41 -37.23 2.91
C GLU A 239 -24.73 -37.79 2.38
N GLY A 240 -25.82 -37.51 3.09
CA GLY A 240 -27.08 -38.17 2.80
C GLY A 240 -28.01 -37.41 1.86
N GLU A 241 -29.11 -36.90 2.41
CA GLU A 241 -30.13 -36.26 1.58
C GLU A 241 -30.63 -34.93 2.14
N CYS A 242 -31.04 -34.05 1.23
CA CYS A 242 -31.66 -32.78 1.60
C CYS A 242 -32.99 -32.97 2.32
N ASP A 243 -33.45 -31.91 2.99
CA ASP A 243 -34.73 -31.93 3.68
C ASP A 243 -35.45 -30.57 3.58
N ARG A 257 -45.71 -1.47 -6.09
CA ARG A 257 -45.39 -0.93 -4.77
C ARG A 257 -45.43 0.60 -4.77
N VAL A 258 -46.57 1.16 -5.19
CA VAL A 258 -46.74 2.61 -5.29
C VAL A 258 -48.07 3.06 -4.65
N ASP A 259 -48.08 4.28 -4.11
CA ASP A 259 -49.32 4.89 -3.63
C ASP A 259 -49.92 5.77 -4.72
N GLN A 260 -51.16 5.51 -5.09
CA GLN A 260 -51.81 6.18 -6.22
C GLN A 260 -51.83 7.71 -6.11
N ARG A 261 -52.09 8.21 -4.91
CA ARG A 261 -52.10 9.65 -4.67
C ARG A 261 -50.69 10.23 -4.77
N ALA A 262 -49.72 9.57 -4.15
CA ALA A 262 -48.32 10.01 -4.19
C ALA A 262 -47.81 10.08 -5.62
N ALA A 263 -48.23 9.13 -6.44
CA ALA A 263 -47.81 9.06 -7.83
C ALA A 263 -48.44 10.16 -8.68
N GLU A 264 -49.62 10.62 -8.27
CA GLU A 264 -50.29 11.72 -8.97
C GLU A 264 -49.69 13.05 -8.55
N GLN A 265 -49.25 13.13 -7.30
CA GLN A 265 -48.60 14.32 -6.76
C GLN A 265 -47.19 14.46 -7.35
N ALA A 266 -46.51 13.33 -7.47
CA ALA A 266 -45.13 13.30 -7.93
C ALA A 266 -45.03 13.31 -9.45
N ARG A 267 -45.60 14.33 -10.07
CA ARG A 267 -45.51 14.47 -11.52
C ARG A 267 -44.87 15.80 -11.89
N TRP A 268 -43.89 15.74 -12.76
CA TRP A 268 -43.07 16.90 -13.05
C TRP A 268 -43.87 18.05 -13.67
N GLU A 269 -44.87 17.72 -14.48
CA GLU A 269 -45.64 18.76 -15.18
C GLU A 269 -46.84 19.25 -14.37
N GLU A 270 -46.56 19.80 -13.18
CA GLU A 270 -47.59 20.28 -12.26
C GLU A 270 -48.60 19.19 -11.89
N LYS A 278 -43.17 34.91 -14.14
CA LYS A 278 -42.64 33.57 -14.38
C LYS A 278 -42.36 33.34 -15.87
N THR A 279 -43.06 34.08 -16.73
CA THR A 279 -42.87 33.94 -18.17
C THR A 279 -42.20 35.18 -18.75
N THR A 280 -42.41 36.31 -18.08
CA THR A 280 -41.69 37.54 -18.38
C THR A 280 -41.19 38.19 -17.11
N LYS A 281 -39.98 38.75 -17.19
CA LYS A 281 -39.41 39.54 -16.10
C LYS A 281 -38.97 40.88 -16.68
N PRO A 282 -38.93 41.92 -15.83
CA PRO A 282 -38.43 43.22 -16.26
C PRO A 282 -36.90 43.18 -16.31
N CYS A 283 -36.30 43.73 -17.36
CA CYS A 283 -34.85 43.84 -17.40
C CYS A 283 -34.38 44.54 -16.14
N PRO A 284 -33.34 44.02 -15.53
CA PRO A 284 -32.84 44.61 -14.30
C PRO A 284 -32.34 46.05 -14.45
N ARG A 285 -31.55 46.33 -15.49
CA ARG A 285 -31.11 47.69 -15.74
C ARG A 285 -32.16 48.70 -16.21
N CYS A 286 -32.87 48.37 -17.30
CA CYS A 286 -33.78 49.33 -17.92
C CYS A 286 -35.26 49.09 -17.65
N ASN A 287 -35.61 47.89 -17.22
CA ASN A 287 -36.97 47.58 -16.76
C ASN A 287 -38.01 47.21 -17.81
N VAL A 288 -37.63 47.25 -19.09
CA VAL A 288 -38.53 46.81 -20.15
C VAL A 288 -38.68 45.31 -20.01
N PRO A 289 -39.88 44.76 -20.19
CA PRO A 289 -39.98 43.31 -19.94
C PRO A 289 -39.42 42.44 -21.04
N ILE A 290 -38.96 41.25 -20.65
CA ILE A 290 -38.49 40.26 -21.61
C ILE A 290 -39.17 38.91 -21.39
N GLU A 291 -39.51 38.23 -22.48
CA GLU A 291 -40.09 36.90 -22.39
C GLU A 291 -38.99 35.84 -22.44
N LYS A 292 -39.18 34.77 -21.69
CA LYS A 292 -38.17 33.71 -21.61
C LYS A 292 -38.13 32.86 -22.90
N ASN A 293 -37.03 32.99 -23.64
CA ASN A 293 -36.85 32.25 -24.90
C ASN A 293 -36.12 30.92 -24.71
N GLY A 294 -36.88 29.88 -24.37
CA GLY A 294 -36.30 28.57 -24.15
C GLY A 294 -35.80 28.39 -22.72
N GLY A 295 -35.04 27.33 -22.49
CA GLY A 295 -34.52 27.02 -21.17
C GLY A 295 -33.22 27.70 -20.82
N CYS A 296 -32.62 28.39 -21.79
CA CYS A 296 -31.38 29.13 -21.57
C CYS A 296 -31.57 30.30 -20.60
N MET A 297 -30.63 30.46 -19.66
CA MET A 297 -30.67 31.56 -18.69
C MET A 297 -30.07 32.88 -19.22
N HIS A 298 -29.31 32.79 -20.29
CA HIS A 298 -28.66 33.95 -20.88
C HIS A 298 -29.69 34.91 -21.51
N MET A 299 -29.93 36.04 -20.84
CA MET A 299 -30.89 37.05 -21.31
C MET A 299 -30.18 38.22 -21.93
N LYS A 300 -30.62 38.64 -23.11
CA LYS A 300 -30.02 39.78 -23.78
C LYS A 300 -31.06 40.89 -24.03
N CYS A 301 -30.93 42.00 -23.32
CA CYS A 301 -31.82 43.14 -23.53
C CYS A 301 -31.68 43.71 -24.95
N PRO A 302 -32.77 43.67 -25.71
CA PRO A 302 -32.79 44.15 -27.10
C PRO A 302 -32.81 45.68 -27.17
N GLN A 303 -33.07 46.32 -26.04
CA GLN A 303 -33.21 47.77 -25.99
C GLN A 303 -31.87 48.50 -26.15
N PRO A 304 -31.75 49.31 -27.22
CA PRO A 304 -30.49 49.96 -27.63
C PRO A 304 -29.83 50.76 -26.52
N GLN A 305 -30.65 51.42 -25.72
CA GLN A 305 -30.17 52.25 -24.65
C GLN A 305 -29.42 51.39 -23.66
N CYS A 306 -29.92 50.18 -23.47
CA CYS A 306 -29.50 49.34 -22.37
C CYS A 306 -28.55 48.19 -22.73
N LYS A 307 -29.06 47.21 -23.46
CA LYS A 307 -28.26 46.08 -23.92
C LYS A 307 -27.58 45.28 -22.81
N LEU A 308 -28.23 45.17 -21.68
CA LEU A 308 -27.77 44.37 -20.54
C LEU A 308 -27.88 42.87 -20.81
N GLU A 309 -26.79 42.15 -20.66
CA GLU A 309 -26.85 40.69 -20.69
C GLU A 309 -26.91 40.17 -19.27
N TRP A 310 -27.91 39.34 -18.98
CA TRP A 310 -28.15 38.91 -17.59
C TRP A 310 -28.71 37.52 -17.44
N CYS A 311 -28.62 37.02 -16.22
CA CYS A 311 -29.06 35.68 -15.89
C CYS A 311 -30.48 35.68 -15.37
N TRP A 312 -31.37 35.06 -16.16
CA TRP A 312 -32.78 34.90 -15.81
C TRP A 312 -33.05 34.46 -14.37
N ASN A 313 -32.23 33.56 -13.82
CA ASN A 313 -32.49 33.05 -12.47
C ASN A 313 -32.04 33.99 -11.37
N CYS A 314 -30.84 34.56 -11.54
CA CYS A 314 -30.21 35.31 -10.46
C CYS A 314 -30.45 36.81 -10.59
N GLY A 315 -30.78 37.24 -11.79
CA GLY A 315 -31.03 38.65 -12.04
C GLY A 315 -29.80 39.52 -12.10
N CYS A 316 -28.63 38.88 -12.09
CA CYS A 316 -27.33 39.57 -12.11
C CYS A 316 -26.80 39.61 -13.53
N GLU A 317 -25.68 40.30 -13.72
CA GLU A 317 -25.03 40.35 -15.04
C GLU A 317 -24.63 38.95 -15.45
N TRP A 318 -24.55 38.70 -16.75
CA TRP A 318 -24.18 37.37 -17.25
C TRP A 318 -22.70 37.13 -16.99
N ASN A 319 -22.36 35.90 -16.62
CA ASN A 319 -21.01 35.57 -16.16
C ASN A 319 -20.70 34.08 -16.24
N ARG A 320 -19.44 33.71 -16.03
CA ARG A 320 -19.01 32.33 -16.17
C ARG A 320 -19.62 31.40 -15.12
N ALA A 321 -19.74 31.88 -13.89
CA ALA A 321 -20.31 31.08 -12.81
C ALA A 321 -21.74 30.69 -13.13
N CYS A 322 -22.46 31.58 -13.79
CA CYS A 322 -23.82 31.27 -14.19
C CYS A 322 -23.83 30.22 -15.30
N MET A 323 -22.97 30.40 -16.30
CA MET A 323 -22.86 29.42 -17.38
C MET A 323 -22.62 28.04 -16.79
N GLY A 324 -21.65 27.97 -15.88
CA GLY A 324 -21.23 26.70 -15.33
C GLY A 324 -22.26 26.05 -14.45
N ASP A 325 -22.83 26.83 -13.54
CA ASP A 325 -23.86 26.35 -12.66
C ASP A 325 -25.21 26.06 -13.30
N HIS A 326 -25.68 26.95 -14.16
CA HIS A 326 -26.97 26.79 -14.80
C HIS A 326 -27.10 27.51 -16.12
N TRP A 327 -26.38 27.07 -17.14
CA TRP A 327 -26.43 27.76 -18.41
C TRP A 327 -27.81 27.73 -18.95
N PHE A 328 -28.45 26.58 -18.80
CA PHE A 328 -29.86 26.41 -19.06
C PHE A 328 -30.53 25.79 -17.84
N ASP A 329 -31.86 25.81 -17.82
CA ASP A 329 -32.59 25.25 -16.70
C ASP A 329 -33.61 24.25 -17.21
N VAL A 330 -33.96 23.30 -16.35
CA VAL A 330 -35.02 22.36 -16.64
C VAL A 330 -35.89 22.26 -15.38
N SER B 5 26.66 -44.11 28.83
CA SER B 5 25.46 -43.71 29.58
C SER B 5 25.13 -42.21 29.55
N PRO B 6 26.13 -41.33 29.72
CA PRO B 6 25.75 -39.92 29.50
C PRO B 6 25.44 -39.68 28.02
N THR B 7 24.48 -38.82 27.74
CA THR B 7 24.00 -38.64 26.38
C THR B 7 23.94 -37.17 25.99
N TYR B 8 24.31 -36.86 24.76
CA TYR B 8 24.34 -35.48 24.27
C TYR B 8 23.82 -35.39 22.85
N HIS B 9 22.81 -34.56 22.63
CA HIS B 9 22.20 -34.43 21.31
C HIS B 9 22.44 -33.10 20.64
N SER B 10 22.95 -33.16 19.41
CA SER B 10 23.15 -31.99 18.59
C SER B 10 21.96 -31.78 17.71
N PHE B 11 21.25 -32.85 17.40
CA PHE B 11 20.28 -32.82 16.32
C PHE B 11 18.86 -33.02 16.82
N PHE B 12 17.93 -32.21 16.34
CA PHE B 12 16.53 -32.34 16.72
C PHE B 12 15.63 -32.39 15.51
N VAL B 13 14.73 -33.36 15.49
CA VAL B 13 13.87 -33.58 14.33
C VAL B 13 12.40 -33.61 14.73
N TYR B 14 11.53 -33.39 13.75
CA TYR B 14 10.12 -33.58 13.97
C TYR B 14 9.70 -34.94 13.46
N CYS B 15 9.37 -35.85 14.39
CA CYS B 15 8.90 -37.17 14.03
C CYS B 15 7.40 -37.12 13.72
N LYS B 16 7.04 -37.46 12.47
CA LYS B 16 5.64 -37.47 12.02
C LYS B 16 4.81 -38.59 12.62
N GLY B 17 5.43 -39.44 13.44
CA GLY B 17 4.71 -40.51 14.09
C GLY B 17 5.62 -41.70 14.24
N PRO B 18 5.50 -42.44 15.35
CA PRO B 18 4.48 -42.37 16.41
C PRO B 18 4.59 -41.18 17.35
N CYS B 19 5.70 -40.47 17.33
CA CYS B 19 5.90 -39.40 18.30
C CYS B 19 4.94 -38.22 18.13
N HIS B 20 4.90 -37.65 16.93
CA HIS B 20 4.13 -36.44 16.65
C HIS B 20 4.60 -35.26 17.48
N LYS B 21 5.92 -35.15 17.61
CA LYS B 21 6.52 -34.05 18.36
C LYS B 21 7.97 -33.89 17.93
N VAL B 22 8.67 -32.95 18.56
CA VAL B 22 10.09 -32.78 18.31
C VAL B 22 10.85 -33.77 19.18
N GLN B 23 11.75 -34.52 18.59
CA GLN B 23 12.59 -35.47 19.34
C GLN B 23 14.05 -35.29 18.96
N PRO B 24 14.97 -35.76 19.82
CA PRO B 24 16.39 -35.87 19.46
C PRO B 24 16.54 -36.81 18.28
N GLY B 25 17.36 -36.43 17.29
CA GLY B 25 17.48 -37.22 16.08
C GLY B 25 18.88 -37.77 15.92
N LYS B 26 19.06 -38.67 14.95
CA LYS B 26 20.37 -39.25 14.68
C LYS B 26 20.80 -38.91 13.26
N LEU B 27 22.08 -38.56 13.10
CA LEU B 27 22.63 -38.27 11.79
C LEU B 27 23.09 -39.55 11.11
N ARG B 28 22.80 -39.67 9.82
CA ARG B 28 23.24 -40.83 9.05
C ARG B 28 23.79 -40.41 7.70
N VAL B 29 24.68 -41.23 7.13
CA VAL B 29 25.14 -40.99 5.77
C VAL B 29 25.06 -42.25 4.91
N GLN B 30 24.77 -42.05 3.64
CA GLN B 30 24.69 -43.15 2.67
C GLN B 30 25.22 -42.68 1.33
N CYS B 31 25.39 -43.62 0.40
CA CYS B 31 25.87 -43.28 -0.94
C CYS B 31 24.78 -42.63 -1.78
N GLY B 32 25.13 -41.54 -2.44
CA GLY B 32 24.18 -40.81 -3.26
C GLY B 32 23.82 -41.50 -4.56
N THR B 33 24.40 -42.67 -4.79
CA THR B 33 24.14 -43.42 -6.01
C THR B 33 23.55 -44.80 -5.72
N CYS B 34 24.08 -45.50 -4.72
CA CYS B 34 23.59 -46.83 -4.40
C CYS B 34 22.61 -46.82 -3.23
N ARG B 35 22.70 -45.78 -2.41
CA ARG B 35 21.78 -45.57 -1.27
C ARG B 35 21.92 -46.60 -0.15
N GLN B 36 23.15 -47.01 0.15
CA GLN B 36 23.41 -47.80 1.36
C GLN B 36 24.49 -47.16 2.20
N ALA B 37 24.60 -47.62 3.44
CA ALA B 37 25.56 -47.08 4.40
C ALA B 37 26.98 -47.57 4.11
N THR B 38 27.47 -47.32 2.91
CA THR B 38 28.77 -47.81 2.50
C THR B 38 29.70 -46.69 2.08
N LEU B 39 29.28 -45.45 2.34
CA LEU B 39 30.09 -44.30 1.98
C LEU B 39 30.93 -43.84 3.15
N THR B 40 32.25 -43.98 3.02
CA THR B 40 33.20 -43.49 4.02
C THR B 40 33.64 -42.10 3.63
N LEU B 41 33.76 -41.22 4.61
CA LEU B 41 34.23 -39.86 4.37
C LEU B 41 35.67 -39.70 4.87
N ALA B 42 36.46 -38.94 4.14
CA ALA B 42 37.82 -38.62 4.59
C ALA B 42 37.70 -37.78 5.86
N GLN B 43 36.87 -36.76 5.79
CA GLN B 43 36.66 -35.85 6.90
C GLN B 43 35.17 -35.76 7.18
N GLY B 44 34.79 -35.89 8.45
CA GLY B 44 33.39 -35.79 8.82
C GLY B 44 32.86 -34.39 8.66
N PRO B 45 31.52 -34.23 8.69
CA PRO B 45 30.84 -32.94 8.54
C PRO B 45 31.11 -32.02 9.71
N SER B 46 31.09 -30.70 9.50
CA SER B 46 31.40 -29.76 10.57
C SER B 46 30.31 -28.72 10.81
N CYS B 47 29.25 -28.79 10.01
CA CYS B 47 28.20 -27.78 10.09
C CYS B 47 26.96 -28.22 9.35
N TRP B 48 25.87 -27.47 9.56
CA TRP B 48 24.60 -27.77 8.95
C TRP B 48 24.67 -27.73 7.42
N ASP B 49 25.44 -26.79 6.89
CA ASP B 49 25.62 -26.71 5.44
C ASP B 49 26.08 -28.05 4.86
N ASP B 50 27.07 -28.67 5.51
CA ASP B 50 27.61 -29.95 5.03
C ASP B 50 26.56 -31.05 4.96
N VAL B 51 25.52 -30.96 5.78
CA VAL B 51 24.55 -32.06 5.85
C VAL B 51 23.20 -31.73 5.21
N LEU B 52 22.90 -30.45 5.06
CA LEU B 52 21.62 -30.06 4.45
C LEU B 52 21.76 -29.81 2.95
N ILE B 53 22.66 -28.89 2.58
CA ILE B 53 22.97 -28.61 1.19
C ILE B 53 23.44 -29.86 0.45
N PRO B 54 22.76 -30.21 -0.65
CA PRO B 54 23.05 -31.45 -1.37
C PRO B 54 24.39 -31.37 -2.11
N ASN B 55 25.11 -32.49 -2.14
CA ASN B 55 26.36 -32.61 -2.91
C ASN B 55 27.51 -31.76 -2.35
N ARG B 56 27.47 -31.46 -1.06
CA ARG B 56 28.51 -30.67 -0.40
CA ARG B 56 28.54 -30.65 -0.47
C ARG B 56 29.74 -31.51 -0.05
N MET B 57 29.51 -32.80 0.17
CA MET B 57 30.59 -33.66 0.63
C MET B 57 30.80 -34.89 -0.25
N SER B 58 32.05 -35.36 -0.28
CA SER B 58 32.45 -36.44 -1.16
C SER B 58 33.14 -37.57 -0.40
N GLY B 59 32.92 -38.79 -0.85
CA GLY B 59 33.56 -39.96 -0.25
C GLY B 59 33.69 -41.10 -1.23
N GLU B 60 33.93 -42.30 -0.70
CA GLU B 60 34.08 -43.49 -1.52
C GLU B 60 33.12 -44.56 -1.07
N CYS B 61 32.30 -45.08 -1.99
CA CYS B 61 31.42 -46.19 -1.64
C CYS B 61 32.21 -47.50 -1.60
N GLN B 62 32.38 -48.07 -0.40
CA GLN B 62 33.18 -49.28 -0.22
C GLN B 62 32.55 -50.52 -0.86
N SER B 63 31.25 -50.47 -1.11
CA SER B 63 30.57 -51.57 -1.80
C SER B 63 31.00 -51.65 -3.27
N PRO B 64 31.20 -52.89 -3.77
CA PRO B 64 31.82 -53.19 -5.06
C PRO B 64 31.10 -52.57 -6.27
N ASP B 65 31.91 -52.04 -7.18
CA ASP B 65 31.44 -51.46 -8.43
C ASP B 65 30.37 -50.40 -8.25
N CYS B 66 30.59 -49.50 -7.30
CA CYS B 66 29.79 -48.28 -7.24
C CYS B 66 30.69 -47.07 -7.37
N PRO B 67 30.55 -46.34 -8.48
CA PRO B 67 31.38 -45.18 -8.81
C PRO B 67 31.10 -43.98 -7.92
N GLY B 68 29.96 -44.00 -7.22
CA GLY B 68 29.47 -42.87 -6.45
C GLY B 68 30.41 -42.24 -5.45
N THR B 69 30.45 -40.91 -5.45
CA THR B 69 31.27 -40.14 -4.54
C THR B 69 30.44 -39.06 -3.86
N ARG B 70 29.12 -39.19 -3.89
CA ARG B 70 28.25 -38.18 -3.30
C ARG B 70 27.78 -38.57 -1.90
N ALA B 71 27.86 -37.62 -0.98
CA ALA B 71 27.47 -37.86 0.40
C ALA B 71 26.03 -37.43 0.63
N GLU B 72 25.14 -38.41 0.83
CA GLU B 72 23.74 -38.12 1.08
C GLU B 72 23.40 -38.34 2.55
N PHE B 73 23.24 -37.23 3.27
CA PHE B 73 22.91 -37.28 4.69
C PHE B 73 21.42 -37.30 4.94
N PHE B 74 21.02 -37.92 6.04
CA PHE B 74 19.63 -37.88 6.48
C PHE B 74 19.54 -38.09 7.98
N PHE B 75 18.39 -37.76 8.56
CA PHE B 75 18.19 -37.90 9.99
C PHE B 75 17.03 -38.84 10.29
N LYS B 76 17.06 -39.47 11.46
CA LYS B 76 15.97 -40.31 11.94
C LYS B 76 15.66 -39.98 13.38
N CYS B 77 14.42 -40.21 13.80
CA CYS B 77 14.05 -39.98 15.19
C CYS B 77 14.82 -40.97 16.09
N GLY B 78 15.15 -40.57 17.31
CA GLY B 78 15.95 -41.40 18.19
C GLY B 78 15.19 -41.95 19.37
N ALA B 79 13.91 -41.59 19.48
CA ALA B 79 13.08 -42.02 20.60
C ALA B 79 12.66 -43.49 20.55
N HIS B 80 12.91 -44.14 19.41
CA HIS B 80 12.44 -45.52 19.18
C HIS B 80 13.17 -46.10 17.98
N PRO B 81 13.10 -47.43 17.80
CA PRO B 81 13.72 -48.02 16.61
C PRO B 81 13.11 -47.47 15.32
N THR B 82 13.89 -47.46 14.25
CA THR B 82 13.47 -46.86 13.00
C THR B 82 14.22 -47.49 11.84
N SER B 83 13.53 -47.79 10.75
CA SER B 83 14.20 -48.27 9.55
C SER B 83 14.91 -47.08 8.91
N ASP B 84 15.84 -47.35 8.02
CA ASP B 84 16.59 -46.28 7.35
C ASP B 84 15.73 -45.53 6.34
N LYS B 85 14.51 -46.00 6.14
CA LYS B 85 13.60 -45.36 5.20
C LYS B 85 12.72 -44.36 5.93
N ASP B 86 12.55 -44.60 7.23
CA ASP B 86 11.75 -43.73 8.08
C ASP B 86 12.58 -42.50 8.49
N THR B 87 12.79 -41.58 7.55
CA THR B 87 13.56 -40.37 7.83
C THR B 87 12.68 -39.29 8.39
N SER B 88 13.30 -38.36 9.13
CA SER B 88 12.58 -37.21 9.65
C SER B 88 13.30 -35.92 9.30
N VAL B 89 12.53 -34.85 9.13
CA VAL B 89 13.11 -33.58 8.77
C VAL B 89 13.85 -32.98 9.97
N ALA B 90 14.99 -32.34 9.71
CA ALA B 90 15.81 -31.76 10.76
C ALA B 90 15.48 -30.29 11.01
N LEU B 91 15.39 -29.91 12.28
CA LEU B 91 15.15 -28.51 12.64
C LEU B 91 16.47 -27.83 12.98
N ASN B 92 17.10 -27.28 11.96
CA ASN B 92 18.48 -26.79 12.08
C ASN B 92 18.68 -25.56 12.97
N LEU B 93 17.61 -24.87 13.34
CA LEU B 93 17.76 -23.76 14.28
C LEU B 93 17.83 -24.29 15.71
N ILE B 94 17.32 -25.48 15.94
CA ILE B 94 17.33 -26.03 17.28
C ILE B 94 18.72 -26.52 17.63
N THR B 95 19.19 -26.16 18.82
CA THR B 95 20.60 -26.22 19.16
C THR B 95 20.81 -26.68 20.61
N ASN B 96 21.79 -27.55 20.80
CA ASN B 96 22.17 -27.99 22.13
C ASN B 96 22.77 -26.81 22.87
N ASN B 97 22.21 -26.48 24.04
CA ASN B 97 22.65 -25.32 24.80
C ASN B 97 23.97 -25.57 25.51
N SER B 98 25.04 -25.70 24.72
CA SER B 98 26.36 -25.99 25.27
CA SER B 98 26.36 -25.99 25.27
C SER B 98 26.95 -24.80 26.02
N ARG B 99 26.48 -23.59 25.68
CA ARG B 99 27.01 -22.39 26.30
C ARG B 99 26.12 -21.88 27.44
N SER B 100 25.15 -22.69 27.83
CA SER B 100 24.24 -22.33 28.91
C SER B 100 23.70 -20.91 28.78
N ILE B 101 23.24 -20.55 27.58
CA ILE B 101 22.65 -19.24 27.34
C ILE B 101 21.19 -19.26 27.80
N PRO B 102 20.79 -18.25 28.60
CA PRO B 102 19.41 -18.18 29.12
C PRO B 102 18.41 -17.67 28.07
N CYS B 103 17.15 -18.05 28.24
CA CYS B 103 16.07 -17.74 27.30
C CYS B 103 15.78 -16.24 27.26
N ILE B 104 15.61 -15.70 26.05
CA ILE B 104 15.35 -14.27 25.91
C ILE B 104 14.04 -13.85 26.58
N ALA B 105 13.14 -14.80 26.78
CA ALA B 105 11.82 -14.49 27.33
C ALA B 105 11.73 -14.79 28.82
N CYS B 106 11.97 -16.04 29.20
CA CYS B 106 11.80 -16.44 30.59
C CYS B 106 13.12 -16.42 31.38
N THR B 107 14.22 -16.19 30.67
CA THR B 107 15.57 -16.09 31.25
C THR B 107 16.08 -17.37 31.92
N ASP B 108 15.34 -18.47 31.75
CA ASP B 108 15.78 -19.75 32.29
C ASP B 108 16.84 -20.37 31.39
N VAL B 109 17.63 -21.28 31.93
CA VAL B 109 18.60 -21.99 31.11
C VAL B 109 17.99 -23.32 30.70
N ARG B 110 17.79 -23.51 29.40
CA ARG B 110 17.02 -24.67 28.93
C ARG B 110 17.73 -25.42 27.80
N ASN B 111 17.38 -26.68 27.60
CA ASN B 111 17.96 -27.46 26.51
C ASN B 111 16.96 -28.40 25.86
N PRO B 112 16.85 -28.35 24.52
CA PRO B 112 17.61 -27.51 23.61
C PRO B 112 16.98 -26.15 23.54
N VAL B 113 17.51 -25.29 22.69
CA VAL B 113 16.95 -23.94 22.50
C VAL B 113 16.91 -23.60 21.02
N LEU B 114 15.99 -22.73 20.65
CA LEU B 114 15.95 -22.27 19.27
C LEU B 114 16.81 -21.01 19.13
N VAL B 115 17.67 -21.01 18.12
CA VAL B 115 18.61 -19.91 17.94
C VAL B 115 18.37 -19.25 16.59
N PHE B 116 17.96 -17.99 16.65
CA PHE B 116 17.60 -17.20 15.48
C PHE B 116 18.79 -16.82 14.61
N GLN B 117 18.50 -16.50 13.36
CA GLN B 117 19.53 -16.23 12.37
C GLN B 117 19.82 -14.74 12.24
N CYS B 118 19.34 -13.98 13.21
CA CYS B 118 19.62 -12.56 13.34
C CYS B 118 21.05 -12.32 13.80
N ASN B 119 21.55 -11.09 13.64
CA ASN B 119 22.94 -10.78 13.95
C ASN B 119 23.31 -11.14 15.38
N HIS B 120 22.45 -10.81 16.32
CA HIS B 120 22.74 -11.08 17.73
C HIS B 120 22.57 -12.56 18.11
N ARG B 121 22.01 -13.36 17.19
CA ARG B 121 21.76 -14.78 17.39
C ARG B 121 21.05 -15.06 18.71
N HIS B 122 19.83 -14.54 18.83
CA HIS B 122 19.09 -14.63 20.08
C HIS B 122 18.62 -16.04 20.39
N VAL B 123 18.58 -16.35 21.69
CA VAL B 123 18.29 -17.69 22.17
C VAL B 123 16.94 -17.69 22.85
N ILE B 124 16.14 -18.70 22.53
CA ILE B 124 14.82 -18.86 23.14
C ILE B 124 14.49 -20.35 23.33
N CYS B 125 14.10 -20.70 24.55
CA CYS B 125 13.72 -22.07 24.88
C CYS B 125 12.47 -22.49 24.11
N LEU B 126 12.25 -23.80 23.98
CA LEU B 126 11.16 -24.30 23.15
C LEU B 126 9.76 -24.01 23.70
N ASP B 127 9.64 -23.89 25.01
CA ASP B 127 8.35 -23.58 25.60
C ASP B 127 7.97 -22.15 25.30
N CYS B 128 8.93 -21.24 25.43
CA CYS B 128 8.68 -19.83 25.13
C CYS B 128 8.45 -19.62 23.65
N PHE B 129 9.16 -20.39 22.82
CA PHE B 129 8.94 -20.32 21.39
C PHE B 129 7.51 -20.70 21.03
N HIS B 130 6.96 -21.68 21.76
CA HIS B 130 5.58 -22.09 21.54
C HIS B 130 4.58 -20.96 21.82
N LEU B 131 4.73 -20.29 22.97
CA LEU B 131 3.91 -19.12 23.31
C LEU B 131 3.97 -18.08 22.20
N TYR B 132 5.20 -17.75 21.81
CA TYR B 132 5.43 -16.73 20.81
C TYR B 132 4.71 -17.06 19.51
N CYS B 133 4.70 -18.32 19.11
CA CYS B 133 4.02 -18.67 17.86
C CYS B 133 2.50 -18.64 18.01
N VAL B 134 2.00 -19.21 19.10
CA VAL B 134 0.56 -19.24 19.34
C VAL B 134 -0.01 -17.84 19.53
N THR B 135 0.76 -16.97 20.18
CA THR B 135 0.39 -15.57 20.36
C THR B 135 0.33 -14.86 19.02
N ARG B 136 1.39 -14.99 18.23
CA ARG B 136 1.42 -14.36 16.92
C ARG B 136 0.36 -14.93 15.99
N LEU B 137 -0.07 -16.16 16.23
CA LEU B 137 -1.15 -16.75 15.44
C LEU B 137 -2.48 -16.09 15.76
N ASN B 138 -2.82 -16.09 17.05
CA ASN B 138 -4.09 -15.56 17.53
C ASN B 138 -4.29 -14.11 17.16
N ASP B 139 -3.19 -13.36 17.13
CA ASP B 139 -3.22 -11.93 16.86
C ASP B 139 -2.87 -11.59 15.42
N ARG B 140 -2.85 -12.62 14.57
CA ARG B 140 -2.58 -12.45 13.14
C ARG B 140 -1.36 -11.57 12.88
N GLN B 141 -0.22 -11.93 13.48
CA GLN B 141 1.00 -11.16 13.29
C GLN B 141 2.13 -11.97 12.65
N PHE B 142 1.76 -13.03 11.92
CA PHE B 142 2.72 -13.69 11.05
C PHE B 142 3.04 -12.80 9.85
N VAL B 143 4.28 -12.89 9.39
CA VAL B 143 4.79 -12.07 8.31
C VAL B 143 4.78 -12.83 6.99
N HIS B 144 4.34 -12.19 5.92
CA HIS B 144 4.32 -12.87 4.65
C HIS B 144 5.51 -12.51 3.82
N ASP B 145 6.17 -13.53 3.29
CA ASP B 145 7.29 -13.32 2.40
C ASP B 145 7.18 -14.22 1.19
N ALA B 146 7.82 -13.81 0.11
CA ALA B 146 7.79 -14.58 -1.11
C ALA B 146 9.20 -15.09 -1.43
N GLN B 147 9.32 -16.35 -1.84
CA GLN B 147 8.18 -17.24 -2.09
C GLN B 147 7.93 -18.13 -0.89
N LEU B 148 8.63 -17.86 0.21
CA LEU B 148 8.65 -18.80 1.31
C LEU B 148 7.30 -19.10 1.94
N GLY B 149 6.50 -18.08 2.21
CA GLY B 149 5.25 -18.31 2.91
C GLY B 149 5.08 -17.37 4.08
N TYR B 150 4.32 -17.81 5.06
CA TYR B 150 4.14 -17.06 6.29
C TYR B 150 5.09 -17.59 7.34
N SER B 151 5.82 -16.71 7.99
CA SER B 151 6.81 -17.10 8.98
C SER B 151 6.92 -16.06 10.08
N LEU B 152 7.90 -16.23 10.97
CA LEU B 152 8.12 -15.29 12.05
C LEU B 152 9.58 -14.86 12.11
N PRO B 153 9.83 -13.61 12.54
CA PRO B 153 11.18 -13.10 12.74
C PRO B 153 11.67 -13.48 14.13
N CYS B 154 12.86 -13.03 14.50
CA CYS B 154 13.31 -13.14 15.88
C CYS B 154 12.28 -12.46 16.79
N VAL B 155 12.07 -13.03 17.97
CA VAL B 155 11.12 -12.49 18.93
C VAL B 155 11.51 -11.07 19.37
N ALA B 156 12.79 -10.73 19.26
CA ALA B 156 13.27 -9.40 19.65
C ALA B 156 12.94 -8.31 18.63
N GLY B 157 12.74 -8.72 17.37
CA GLY B 157 12.39 -7.77 16.33
C GLY B 157 13.52 -7.45 15.36
N CYS B 158 14.66 -8.12 15.51
CA CYS B 158 15.82 -7.88 14.65
C CYS B 158 15.48 -7.97 13.16
N PRO B 159 16.12 -7.13 12.34
CA PRO B 159 15.90 -7.20 10.89
C PRO B 159 16.55 -8.44 10.30
N ASN B 160 16.06 -8.90 9.14
CA ASN B 160 16.59 -10.07 8.45
C ASN B 160 16.74 -11.34 9.30
N SER B 161 15.74 -11.63 10.13
CA SER B 161 15.81 -12.78 11.02
C SER B 161 14.59 -13.66 10.81
N LEU B 162 14.18 -13.81 9.56
CA LEU B 162 12.99 -14.56 9.27
C LEU B 162 13.31 -16.04 9.22
N ILE B 163 12.53 -16.84 9.93
CA ILE B 163 12.71 -18.27 9.89
C ILE B 163 12.46 -18.79 8.48
N LYS B 164 13.47 -19.40 7.89
CA LYS B 164 13.41 -19.82 6.49
C LYS B 164 13.05 -21.29 6.31
N GLU B 165 13.18 -22.08 7.38
CA GLU B 165 12.88 -23.52 7.33
C GLU B 165 11.51 -23.77 7.97
N LEU B 166 10.45 -23.74 7.17
CA LEU B 166 9.08 -23.67 7.69
C LEU B 166 8.69 -24.87 8.54
N HIS B 167 9.33 -26.01 8.31
CA HIS B 167 9.05 -27.21 9.08
C HIS B 167 9.32 -27.00 10.58
N HIS B 168 9.91 -25.86 10.93
CA HIS B 168 10.11 -25.52 12.33
C HIS B 168 8.81 -25.28 13.07
N PHE B 169 7.77 -24.89 12.35
CA PHE B 169 6.49 -24.64 13.02
C PHE B 169 5.75 -25.94 13.34
N ARG B 170 6.31 -27.07 12.95
CA ARG B 170 5.73 -28.35 13.32
C ARG B 170 5.89 -28.59 14.82
N ILE B 171 6.83 -27.89 15.43
CA ILE B 171 7.12 -28.02 16.86
C ILE B 171 5.89 -27.66 17.69
N LEU B 172 4.99 -26.88 17.10
CA LEU B 172 3.78 -26.44 17.77
C LEU B 172 2.82 -27.60 18.04
N GLY B 173 2.98 -28.69 17.29
CA GLY B 173 2.09 -29.83 17.39
C GLY B 173 1.02 -29.75 16.31
N GLU B 174 0.42 -30.90 16.00
CA GLU B 174 -0.50 -31.02 14.87
C GLU B 174 -1.63 -29.98 14.82
N GLU B 175 -2.27 -29.76 15.95
CA GLU B 175 -3.43 -28.87 15.98
C GLU B 175 -3.00 -27.45 15.70
N GLN B 176 -2.05 -26.95 16.49
CA GLN B 176 -1.54 -25.61 16.30
C GLN B 176 -0.85 -25.47 14.95
N TYR B 177 -0.06 -26.46 14.58
CA TYR B 177 0.59 -26.39 13.27
C TYR B 177 -0.46 -26.25 12.17
N ASN B 178 -1.52 -27.06 12.25
CA ASN B 178 -2.60 -26.96 11.27
C ASN B 178 -3.20 -25.55 11.14
N ARG B 179 -3.42 -24.88 12.27
CA ARG B 179 -3.89 -23.51 12.27
C ARG B 179 -2.91 -22.61 11.51
N TYR B 180 -1.63 -22.87 11.70
CA TYR B 180 -0.60 -22.12 10.99
C TYR B 180 -0.65 -22.41 9.49
N GLN B 181 -0.94 -23.66 9.14
CA GLN B 181 -0.99 -24.06 7.73
C GLN B 181 -2.19 -23.39 7.07
N GLN B 182 -3.23 -23.17 7.87
CA GLN B 182 -4.48 -22.62 7.35
C GLN B 182 -4.47 -21.09 7.32
N TYR B 183 -3.42 -20.50 7.90
CA TYR B 183 -3.27 -19.05 7.97
C TYR B 183 -3.49 -18.38 6.63
N GLY B 184 -2.99 -19.01 5.57
CA GLY B 184 -3.09 -18.45 4.22
C GLY B 184 -4.49 -18.54 3.67
N ALA B 185 -5.26 -19.52 4.11
CA ALA B 185 -6.64 -19.62 3.67
C ALA B 185 -7.43 -18.50 4.32
N GLU B 186 -7.08 -18.17 5.55
CA GLU B 186 -7.84 -17.20 6.32
C GLU B 186 -7.57 -15.78 5.83
N GLU B 187 -6.35 -15.54 5.36
CA GLU B 187 -5.98 -14.25 4.77
C GLU B 187 -6.70 -14.05 3.44
N CYS B 188 -6.90 -15.15 2.71
CA CYS B 188 -7.66 -15.13 1.47
C CYS B 188 -9.05 -14.59 1.75
N VAL B 189 -9.68 -15.10 2.80
CA VAL B 189 -11.00 -14.65 3.22
C VAL B 189 -11.02 -13.14 3.49
N LEU B 190 -9.99 -12.64 4.16
CA LEU B 190 -9.92 -11.21 4.48
C LEU B 190 -9.86 -10.32 3.24
N GLN B 191 -9.01 -10.71 2.29
CA GLN B 191 -8.74 -9.90 1.09
C GLN B 191 -9.97 -9.67 0.22
N MET B 192 -10.99 -10.52 0.36
CA MET B 192 -12.25 -10.34 -0.35
C MET B 192 -13.36 -9.73 0.52
N GLY B 193 -12.95 -9.01 1.57
CA GLY B 193 -13.89 -8.29 2.40
C GLY B 193 -14.51 -9.14 3.48
N GLY B 194 -13.85 -10.26 3.78
CA GLY B 194 -14.33 -11.15 4.83
C GLY B 194 -13.89 -10.67 6.19
N VAL B 195 -14.19 -11.48 7.21
CA VAL B 195 -13.81 -11.12 8.57
C VAL B 195 -13.49 -12.38 9.37
N LEU B 196 -12.55 -12.27 10.30
CA LEU B 196 -12.10 -13.41 11.09
C LEU B 196 -12.72 -13.38 12.48
N CYS B 197 -13.14 -14.54 12.98
CA CYS B 197 -13.73 -14.62 14.31
C CYS B 197 -12.76 -14.10 15.35
N PRO B 198 -13.16 -13.05 16.07
CA PRO B 198 -12.29 -12.38 17.06
C PRO B 198 -11.93 -13.26 18.25
N ARG B 199 -12.55 -14.43 18.39
CA ARG B 199 -12.21 -15.33 19.48
C ARG B 199 -10.89 -16.03 19.20
N PRO B 200 -9.94 -15.91 20.13
CA PRO B 200 -8.67 -16.59 19.97
C PRO B 200 -8.90 -18.08 20.02
N GLY B 201 -8.17 -18.83 19.20
CA GLY B 201 -8.36 -20.25 19.17
C GLY B 201 -9.50 -20.66 18.26
N CYS B 202 -10.08 -19.68 17.60
CA CYS B 202 -11.00 -19.96 16.50
C CYS B 202 -10.48 -19.27 15.27
N GLY B 203 -10.79 -17.99 15.13
CA GLY B 203 -10.32 -17.21 14.02
C GLY B 203 -10.74 -17.76 12.69
N ALA B 204 -11.95 -18.29 12.63
CA ALA B 204 -12.51 -18.83 11.42
C ALA B 204 -12.72 -17.71 10.42
N GLY B 205 -12.55 -18.00 9.14
CA GLY B 205 -12.77 -17.02 8.11
C GLY B 205 -14.24 -16.94 7.82
N LEU B 206 -14.82 -15.76 7.90
CA LEU B 206 -16.26 -15.62 7.75
C LEU B 206 -16.61 -14.71 6.57
N LEU B 207 -17.71 -15.02 5.89
CA LEU B 207 -18.17 -14.19 4.79
C LEU B 207 -19.64 -13.86 4.91
N PRO B 208 -20.01 -13.04 5.91
CA PRO B 208 -21.40 -12.63 6.06
C PRO B 208 -21.71 -11.59 5.00
N GLU B 209 -22.99 -11.24 4.86
CA GLU B 209 -23.39 -10.22 3.91
C GLU B 209 -22.62 -8.93 4.18
N GLN B 210 -22.14 -8.30 3.10
CA GLN B 210 -21.15 -7.23 3.19
C GLN B 210 -21.47 -6.05 4.11
N GLY B 211 -22.74 -5.66 4.21
CA GLY B 211 -23.08 -4.51 5.03
C GLY B 211 -23.59 -4.80 6.43
N GLN B 212 -23.58 -6.08 6.80
CA GLN B 212 -24.16 -6.52 8.07
C GLN B 212 -23.16 -6.35 9.21
N ARG B 213 -23.52 -5.52 10.19
CA ARG B 213 -22.63 -5.27 11.33
C ARG B 213 -22.60 -6.46 12.28
N LYS B 214 -23.73 -7.14 12.42
CA LYS B 214 -23.86 -8.25 13.35
C LYS B 214 -23.43 -9.56 12.70
N VAL B 215 -22.32 -10.10 13.17
CA VAL B 215 -21.77 -11.31 12.58
C VAL B 215 -21.76 -12.44 13.59
N THR B 216 -22.14 -13.63 13.12
CA THR B 216 -22.09 -14.83 13.93
C THR B 216 -21.07 -15.76 13.31
N CYS B 217 -20.23 -16.38 14.15
CA CYS B 217 -19.24 -17.33 13.66
C CYS B 217 -19.92 -18.61 13.17
N GLU B 218 -20.10 -18.70 11.85
CA GLU B 218 -20.77 -19.84 11.21
C GLU B 218 -20.71 -19.65 9.70
N GLY B 219 -21.17 -20.65 8.96
CA GLY B 219 -21.31 -20.53 7.53
C GLY B 219 -20.05 -20.88 6.77
N GLY B 220 -19.03 -21.33 7.50
CA GLY B 220 -17.83 -21.81 6.87
C GLY B 220 -17.93 -23.32 6.73
N ASN B 221 -16.79 -23.95 6.48
CA ASN B 221 -16.73 -25.40 6.46
C ASN B 221 -16.75 -25.99 7.86
N GLY B 222 -16.18 -25.27 8.83
CA GLY B 222 -16.34 -25.66 10.22
C GLY B 222 -17.80 -25.52 10.61
N LEU B 223 -18.17 -26.01 11.80
CA LEU B 223 -19.52 -25.77 12.30
C LEU B 223 -19.66 -24.31 12.73
N GLY B 224 -18.57 -23.72 13.20
CA GLY B 224 -18.55 -22.36 13.73
C GLY B 224 -18.69 -22.40 15.23
N CYS B 225 -18.11 -21.43 15.94
CA CYS B 225 -18.22 -21.45 17.40
C CYS B 225 -19.47 -20.74 17.89
N GLY B 226 -20.11 -19.98 17.02
CA GLY B 226 -21.36 -19.33 17.37
C GLY B 226 -21.18 -18.01 18.10
N PHE B 227 -19.96 -17.50 18.11
CA PHE B 227 -19.70 -16.20 18.72
C PHE B 227 -20.42 -15.11 17.94
N VAL B 228 -21.13 -14.23 18.64
CA VAL B 228 -21.82 -13.12 17.96
C VAL B 228 -21.17 -11.80 18.31
N PHE B 229 -20.69 -11.10 17.30
CA PHE B 229 -19.84 -9.95 17.54
C PHE B 229 -20.07 -8.83 16.55
N CYS B 230 -19.67 -7.62 16.94
CA CYS B 230 -19.77 -6.46 16.08
C CYS B 230 -18.63 -6.41 15.09
N ARG B 231 -18.98 -6.27 13.82
CA ARG B 231 -17.98 -6.32 12.77
C ARG B 231 -17.01 -5.15 12.81
N ASP B 232 -17.46 -4.03 13.36
CA ASP B 232 -16.68 -2.79 13.36
C ASP B 232 -15.64 -2.67 14.49
N CYS B 233 -16.04 -3.02 15.70
CA CYS B 233 -15.16 -2.91 16.85
C CYS B 233 -14.64 -4.29 17.32
N LYS B 234 -15.14 -5.35 16.69
CA LYS B 234 -14.75 -6.73 17.00
C LYS B 234 -15.06 -7.22 18.41
N GLU B 235 -15.75 -6.40 19.21
CA GLU B 235 -16.19 -6.82 20.54
C GLU B 235 -17.39 -7.75 20.43
N ALA B 236 -17.82 -8.33 21.55
CA ALA B 236 -19.06 -9.07 21.58
C ALA B 236 -20.16 -8.12 21.15
N TYR B 237 -21.15 -8.62 20.41
CA TYR B 237 -22.13 -7.75 19.79
C TYR B 237 -22.82 -6.84 20.81
N HIS B 238 -23.02 -5.58 20.41
CA HIS B 238 -23.63 -4.57 21.27
C HIS B 238 -24.60 -3.76 20.42
N GLU B 239 -25.51 -3.06 21.08
CA GLU B 239 -26.66 -2.48 20.41
C GLU B 239 -26.45 -1.15 19.69
N GLY B 240 -25.69 -0.23 20.27
CA GLY B 240 -25.64 1.11 19.73
C GLY B 240 -24.43 1.42 18.89
N GLU B 241 -23.80 2.57 19.15
CA GLU B 241 -22.56 2.93 18.51
C GLU B 241 -21.45 2.15 19.18
N CYS B 242 -20.37 1.90 18.43
CA CYS B 242 -19.18 1.34 19.05
C CYS B 242 -18.63 2.38 20.01
N ASP B 243 -18.04 1.90 21.11
CA ASP B 243 -17.43 2.78 22.08
C ASP B 243 -16.13 2.16 22.58
N SER B 244 -15.07 2.29 21.79
CA SER B 244 -13.76 1.79 22.19
C SER B 244 -12.73 2.91 22.20
N MET B 245 -11.87 2.89 23.22
CA MET B 245 -10.80 3.87 23.25
C MET B 245 -9.75 3.53 22.23
N PHE B 246 -8.98 4.53 21.83
CA PHE B 246 -7.88 4.38 20.91
C PHE B 246 -6.74 3.61 21.58
N GLU B 247 -6.33 2.53 20.95
CA GLU B 247 -5.25 1.67 21.46
C GLU B 247 -3.92 2.42 21.51
N ALA B 248 -3.19 2.26 22.61
CA ALA B 248 -1.85 2.83 22.73
C ALA B 248 -0.87 2.10 21.81
N SER B 249 -0.07 2.87 21.08
CA SER B 249 0.91 2.32 20.14
C SER B 249 2.00 1.49 20.83
N VAL B 258 9.68 -7.26 24.59
CA VAL B 258 10.86 -8.03 24.99
C VAL B 258 11.90 -7.18 25.74
N ASP B 259 12.22 -7.59 26.96
CA ASP B 259 13.16 -6.88 27.82
C ASP B 259 14.56 -6.75 27.20
N GLN B 260 15.10 -5.53 27.20
CA GLN B 260 16.40 -5.25 26.57
C GLN B 260 17.57 -5.92 27.29
N ARG B 261 17.51 -5.98 28.61
CA ARG B 261 18.55 -6.63 29.40
C ARG B 261 18.62 -8.11 29.05
N ALA B 262 17.46 -8.77 29.07
CA ALA B 262 17.39 -10.19 28.73
C ALA B 262 17.82 -10.46 27.30
N ALA B 263 17.57 -9.52 26.39
CA ALA B 263 17.96 -9.70 25.00
C ALA B 263 19.47 -9.73 24.82
N GLU B 264 20.20 -9.08 25.73
CA GLU B 264 21.66 -9.01 25.60
C GLU B 264 22.32 -10.24 26.21
N GLN B 265 21.65 -10.83 27.19
CA GLN B 265 22.15 -12.02 27.86
C GLN B 265 21.65 -13.30 27.20
N ALA B 266 20.90 -13.15 26.11
CA ALA B 266 20.40 -14.31 25.38
C ALA B 266 20.93 -14.33 23.96
N ARG B 267 22.22 -14.03 23.81
CA ARG B 267 22.87 -14.06 22.51
C ARG B 267 23.76 -15.29 22.43
N TRP B 268 23.76 -15.96 21.28
CA TRP B 268 24.55 -17.16 21.12
C TRP B 268 26.01 -16.87 21.11
N GLU B 269 26.45 -16.10 20.13
CA GLU B 269 27.87 -15.75 20.03
C GLU B 269 28.18 -14.55 20.90
N GLU B 270 28.23 -14.77 22.21
CA GLU B 270 28.53 -13.69 23.14
C GLU B 270 27.68 -12.46 22.83
N LYS B 277 41.33 -16.87 24.55
CA LYS B 277 42.29 -17.95 24.29
C LYS B 277 41.60 -19.24 23.83
N LYS B 278 42.23 -19.91 22.87
CA LYS B 278 41.64 -21.11 22.27
C LYS B 278 41.56 -22.27 23.26
N THR B 279 40.49 -23.06 23.13
CA THR B 279 40.30 -24.24 23.97
C THR B 279 41.12 -25.42 23.45
N THR B 280 42.00 -25.96 24.29
CA THR B 280 42.74 -27.16 23.92
C THR B 280 42.55 -28.28 24.95
N LYS B 281 41.98 -29.40 24.51
CA LYS B 281 41.72 -30.54 25.38
C LYS B 281 42.80 -31.59 25.22
N PRO B 282 43.21 -32.22 26.34
CA PRO B 282 44.16 -33.34 26.30
C PRO B 282 43.55 -34.59 25.71
N CYS B 283 44.33 -35.28 24.88
CA CYS B 283 43.99 -36.62 24.43
C CYS B 283 43.76 -37.53 25.65
N PRO B 284 42.60 -38.19 25.71
CA PRO B 284 42.22 -39.11 26.78
C PRO B 284 43.28 -40.18 27.11
N ARG B 285 44.06 -40.59 26.11
CA ARG B 285 44.99 -41.68 26.36
C ARG B 285 46.38 -41.23 26.75
N CYS B 286 47.00 -40.37 25.93
CA CYS B 286 48.41 -40.03 26.09
C CYS B 286 48.62 -38.66 26.71
N ASN B 287 47.53 -37.91 26.85
CA ASN B 287 47.50 -36.61 27.53
C ASN B 287 48.04 -35.38 26.80
N VAL B 288 48.47 -35.58 25.56
CA VAL B 288 48.95 -34.49 24.73
C VAL B 288 47.76 -33.71 24.20
N PRO B 289 47.71 -32.41 24.51
CA PRO B 289 46.60 -31.51 24.17
C PRO B 289 46.50 -31.24 22.68
N ILE B 290 45.29 -30.87 22.25
CA ILE B 290 45.01 -30.72 20.83
C ILE B 290 43.87 -29.73 20.65
N GLU B 291 43.96 -28.91 19.60
CA GLU B 291 42.95 -27.91 19.34
C GLU B 291 41.84 -28.51 18.47
N LYS B 292 40.61 -28.04 18.63
CA LYS B 292 39.51 -28.49 17.79
C LYS B 292 39.29 -27.48 16.66
N ASN B 293 39.48 -27.92 15.42
CA ASN B 293 39.34 -27.03 14.27
C ASN B 293 38.11 -27.33 13.44
N GLY B 294 37.01 -26.69 13.77
CA GLY B 294 35.76 -26.90 13.06
C GLY B 294 34.71 -27.54 13.96
N GLY B 295 33.52 -27.77 13.41
CA GLY B 295 32.44 -28.29 14.22
C GLY B 295 32.60 -29.76 14.54
N CYS B 296 33.28 -30.49 13.67
CA CYS B 296 33.32 -31.94 13.74
C CYS B 296 33.95 -32.46 15.02
N MET B 297 33.27 -33.37 15.69
CA MET B 297 33.68 -33.84 17.03
C MET B 297 34.73 -34.95 16.97
N HIS B 298 35.07 -35.37 15.75
CA HIS B 298 35.97 -36.47 15.55
C HIS B 298 37.43 -36.01 15.67
N MET B 299 38.07 -36.40 16.77
CA MET B 299 39.47 -36.04 17.02
C MET B 299 40.39 -37.20 16.68
N LYS B 300 41.52 -36.89 16.07
CA LYS B 300 42.52 -37.91 15.76
C LYS B 300 43.88 -37.51 16.35
N CYS B 301 44.38 -38.35 17.25
CA CYS B 301 45.64 -38.04 17.92
C CYS B 301 46.82 -38.34 17.00
N PRO B 302 47.65 -37.32 16.74
CA PRO B 302 48.75 -37.48 15.79
C PRO B 302 49.97 -38.12 16.46
N GLN B 303 49.99 -38.16 17.78
CA GLN B 303 51.10 -38.76 18.53
C GLN B 303 51.38 -40.20 18.09
N PRO B 304 52.63 -40.46 17.69
CA PRO B 304 53.03 -41.83 17.41
C PRO B 304 52.98 -42.61 18.71
N GLN B 305 52.56 -43.87 18.64
CA GLN B 305 52.43 -44.74 19.79
C GLN B 305 51.09 -44.55 20.50
N CYS B 306 50.27 -43.65 19.98
CA CYS B 306 48.92 -43.47 20.49
C CYS B 306 47.94 -43.59 19.34
N LYS B 307 47.85 -42.52 18.56
CA LYS B 307 46.96 -42.50 17.41
C LYS B 307 45.52 -42.81 17.81
N LEU B 308 45.11 -42.30 18.96
CA LEU B 308 43.75 -42.50 19.44
C LEU B 308 42.76 -41.69 18.62
N GLU B 309 41.65 -42.32 18.25
CA GLU B 309 40.53 -41.61 17.65
C GLU B 309 39.44 -41.46 18.69
N TRP B 310 39.16 -40.21 19.09
CA TRP B 310 38.25 -39.96 20.20
C TRP B 310 37.27 -38.83 19.96
N CYS B 311 36.22 -38.79 20.78
CA CYS B 311 35.21 -37.74 20.68
C CYS B 311 35.57 -36.55 21.59
N TRP B 312 35.66 -35.38 20.99
CA TRP B 312 36.04 -34.16 21.66
C TRP B 312 35.14 -33.86 22.84
N ASN B 313 33.87 -34.21 22.73
CA ASN B 313 32.94 -33.88 23.79
C ASN B 313 32.96 -34.88 24.94
N CYS B 314 33.02 -36.16 24.60
CA CYS B 314 32.81 -37.20 25.57
C CYS B 314 34.12 -37.77 26.14
N GLY B 315 35.22 -37.55 25.42
CA GLY B 315 36.52 -38.03 25.87
C GLY B 315 36.67 -39.54 25.79
N CYS B 316 35.87 -40.17 24.95
CA CYS B 316 35.92 -41.62 24.77
C CYS B 316 36.39 -41.97 23.37
N GLU B 317 36.71 -43.24 23.15
CA GLU B 317 37.05 -43.73 21.82
C GLU B 317 35.95 -43.31 20.84
N TRP B 318 36.33 -42.98 19.61
CA TRP B 318 35.35 -42.59 18.62
C TRP B 318 34.47 -43.77 18.25
N ASN B 319 33.19 -43.52 17.98
CA ASN B 319 32.24 -44.59 17.77
C ASN B 319 30.99 -44.14 17.05
N ARG B 320 30.12 -45.10 16.74
CA ARG B 320 28.93 -44.80 15.95
C ARG B 320 27.83 -44.07 16.73
N ALA B 321 27.77 -44.27 18.04
CA ALA B 321 26.82 -43.53 18.86
C ALA B 321 27.09 -42.02 18.87
N CYS B 322 28.35 -41.62 19.13
CA CYS B 322 28.70 -40.20 19.09
C CYS B 322 28.47 -39.64 17.69
N MET B 323 28.86 -40.44 16.71
CA MET B 323 28.69 -40.08 15.32
C MET B 323 27.22 -39.79 15.01
N GLY B 324 26.31 -40.56 15.60
CA GLY B 324 24.89 -40.37 15.37
C GLY B 324 24.27 -39.26 16.19
N ASP B 325 24.62 -39.20 17.48
CA ASP B 325 24.17 -38.14 18.35
C ASP B 325 24.74 -36.76 18.08
N HIS B 326 26.04 -36.68 17.84
CA HIS B 326 26.71 -35.40 17.67
C HIS B 326 27.96 -35.47 16.82
N TRP B 327 27.81 -35.70 15.53
CA TRP B 327 28.98 -35.80 14.66
C TRP B 327 29.70 -34.49 14.68
N PHE B 328 28.93 -33.41 14.67
CA PHE B 328 29.48 -32.06 14.85
C PHE B 328 28.62 -31.32 15.86
N ASP B 329 29.09 -30.15 16.28
CA ASP B 329 28.28 -29.26 17.09
C ASP B 329 28.35 -27.86 16.47
N VAL B 330 27.62 -26.91 17.05
CA VAL B 330 27.62 -25.56 16.54
C VAL B 330 28.41 -24.64 17.48
N SER C 5 -4.43 9.88 8.33
CA SER C 5 -4.54 10.63 7.07
C SER C 5 -5.54 9.99 6.10
N PRO C 6 -6.54 10.78 5.66
CA PRO C 6 -7.54 10.25 4.73
C PRO C 6 -6.98 10.20 3.32
N THR C 7 -5.82 10.82 3.09
CA THR C 7 -5.22 10.90 1.78
C THR C 7 -3.80 10.37 1.76
N TYR C 8 -3.57 9.38 0.89
CA TYR C 8 -2.27 8.74 0.77
C TYR C 8 -1.36 9.54 -0.16
N HIS C 9 -0.29 10.08 0.39
CA HIS C 9 0.61 10.92 -0.39
C HIS C 9 1.92 10.23 -0.67
N SER C 10 2.18 9.92 -1.93
CA SER C 10 3.46 9.33 -2.31
C SER C 10 4.50 10.39 -2.60
N PHE C 11 4.06 11.59 -2.93
CA PHE C 11 5.00 12.60 -3.41
C PHE C 11 4.98 13.87 -2.60
N PHE C 12 6.17 14.37 -2.27
CA PHE C 12 6.28 15.62 -1.55
C PHE C 12 7.18 16.61 -2.28
N VAL C 13 6.73 17.86 -2.39
CA VAL C 13 7.50 18.84 -3.13
C VAL C 13 7.91 19.99 -2.22
N TYR C 14 8.86 20.79 -2.68
CA TYR C 14 9.10 22.05 -2.02
C TYR C 14 8.38 23.11 -2.83
N CYS C 15 7.48 23.85 -2.19
CA CYS C 15 6.70 24.85 -2.89
C CYS C 15 7.34 26.22 -2.68
N LYS C 16 7.81 26.82 -3.78
CA LYS C 16 8.53 28.09 -3.73
C LYS C 16 7.63 29.28 -3.42
N GLY C 17 6.36 29.01 -3.15
CA GLY C 17 5.41 30.06 -2.84
C GLY C 17 4.11 29.79 -3.54
N PRO C 18 2.97 30.12 -2.90
CA PRO C 18 2.83 30.84 -1.63
C PRO C 18 3.27 30.09 -0.37
N CYS C 19 3.55 28.79 -0.49
CA CYS C 19 3.81 27.98 0.70
C CYS C 19 5.18 28.19 1.35
N HIS C 20 6.23 28.24 0.55
CA HIS C 20 7.61 28.38 1.06
C HIS C 20 7.90 27.30 2.08
N LYS C 21 7.52 26.07 1.77
CA LYS C 21 7.73 24.95 2.65
C LYS C 21 7.53 23.66 1.86
N VAL C 22 7.75 22.53 2.53
CA VAL C 22 7.50 21.24 1.93
C VAL C 22 6.00 20.97 1.99
N GLN C 23 5.42 20.55 0.88
CA GLN C 23 4.00 20.18 0.84
C GLN C 23 3.82 18.85 0.10
N PRO C 24 2.71 18.16 0.35
CA PRO C 24 2.39 16.99 -0.47
C PRO C 24 2.21 17.43 -1.92
N GLY C 25 2.62 16.58 -2.87
CA GLY C 25 2.62 16.96 -4.26
C GLY C 25 1.66 16.17 -5.12
N LYS C 26 1.47 16.65 -6.35
CA LYS C 26 0.59 16.02 -7.32
C LYS C 26 1.42 15.68 -8.55
N LEU C 27 1.43 14.41 -8.96
CA LEU C 27 2.18 13.99 -10.13
C LEU C 27 1.40 14.31 -11.39
N ARG C 28 2.11 14.72 -12.45
CA ARG C 28 1.47 15.04 -13.72
C ARG C 28 2.34 14.61 -14.90
N VAL C 29 1.72 14.38 -16.05
CA VAL C 29 2.47 14.00 -17.24
C VAL C 29 1.95 14.74 -18.48
N GLN C 30 2.85 15.09 -19.38
CA GLN C 30 2.46 15.80 -20.60
C GLN C 30 3.22 15.27 -21.80
N CYS C 31 2.78 15.67 -23.00
CA CYS C 31 3.48 15.29 -24.21
C CYS C 31 4.79 16.05 -24.29
N GLY C 32 5.89 15.31 -24.42
CA GLY C 32 7.20 15.92 -24.55
C GLY C 32 7.27 16.86 -25.74
N THR C 33 6.41 16.64 -26.73
CA THR C 33 6.37 17.48 -27.92
C THR C 33 5.48 18.72 -27.74
N CYS C 34 4.17 18.51 -27.59
CA CYS C 34 3.25 19.64 -27.55
C CYS C 34 3.02 20.23 -26.16
N ARG C 35 3.62 19.61 -25.14
CA ARG C 35 3.48 20.06 -23.75
C ARG C 35 2.04 20.19 -23.26
N GLN C 36 1.14 19.38 -23.81
CA GLN C 36 -0.25 19.34 -23.37
C GLN C 36 -0.49 18.09 -22.56
N ALA C 37 -1.50 18.13 -21.68
CA ALA C 37 -1.79 16.98 -20.82
C ALA C 37 -2.63 15.94 -21.55
N THR C 38 -2.16 15.53 -22.72
CA THR C 38 -2.91 14.61 -23.57
C THR C 38 -2.12 13.33 -23.89
N LEU C 39 -1.08 13.06 -23.11
CA LEU C 39 -0.24 11.91 -23.37
C LEU C 39 -0.71 10.69 -22.59
N THR C 40 -1.17 9.67 -23.31
CA THR C 40 -1.67 8.44 -22.69
C THR C 40 -0.55 7.42 -22.59
N LEU C 41 -0.48 6.74 -21.45
CA LEU C 41 0.53 5.72 -21.22
C LEU C 41 -0.11 4.35 -21.18
N ALA C 42 0.50 3.38 -21.86
CA ALA C 42 0.05 1.99 -21.76
C ALA C 42 0.19 1.53 -20.31
N GLN C 43 1.42 1.56 -19.82
CA GLN C 43 1.69 1.27 -18.41
C GLN C 43 2.05 2.58 -17.71
N GLY C 44 1.51 2.80 -16.53
CA GLY C 44 1.91 3.94 -15.72
C GLY C 44 3.29 3.72 -15.12
N PRO C 45 3.86 4.77 -14.51
CA PRO C 45 5.17 4.72 -13.84
C PRO C 45 5.11 3.86 -12.58
N SER C 46 6.25 3.33 -12.15
CA SER C 46 6.25 2.39 -11.03
C SER C 46 7.39 2.65 -10.04
N CYS C 47 8.29 3.55 -10.41
CA CYS C 47 9.43 3.89 -9.58
C CYS C 47 9.81 5.35 -9.84
N TRP C 48 10.66 5.90 -8.98
CA TRP C 48 11.12 7.27 -9.13
C TRP C 48 11.88 7.50 -10.44
N ASP C 49 12.62 6.48 -10.88
CA ASP C 49 13.38 6.59 -12.12
C ASP C 49 12.49 6.89 -13.33
N ASP C 50 11.28 6.34 -13.32
CA ASP C 50 10.37 6.50 -14.44
C ASP C 50 9.94 7.95 -14.63
N VAL C 51 10.00 8.72 -13.55
CA VAL C 51 9.50 10.10 -13.57
C VAL C 51 10.58 11.18 -13.46
N LEU C 52 11.77 10.85 -12.95
CA LEU C 52 12.86 11.83 -12.89
C LEU C 52 13.85 11.69 -14.06
N ILE C 53 14.07 10.46 -14.52
CA ILE C 53 14.97 10.23 -15.66
C ILE C 53 14.26 10.60 -16.96
N PRO C 54 14.77 11.60 -17.69
CA PRO C 54 14.11 12.07 -18.90
C PRO C 54 14.13 11.02 -20.00
N ASN C 55 13.12 11.06 -20.87
CA ASN C 55 12.98 10.09 -21.96
C ASN C 55 12.82 8.62 -21.52
N ARG C 56 12.64 8.39 -20.23
CA ARG C 56 12.49 7.03 -19.71
C ARG C 56 11.20 6.32 -20.16
N MET C 57 10.08 7.03 -20.19
CA MET C 57 8.83 6.42 -20.64
C MET C 57 8.27 7.07 -21.89
N SER C 58 7.45 6.33 -22.61
CA SER C 58 6.89 6.80 -23.87
C SER C 58 5.42 6.41 -23.95
N GLY C 59 4.64 7.18 -24.71
CA GLY C 59 3.23 6.88 -24.88
C GLY C 59 2.72 7.42 -26.20
N GLU C 60 1.42 7.69 -26.25
CA GLU C 60 0.81 8.29 -27.43
C GLU C 60 0.04 9.55 -27.05
N CYS C 61 0.32 10.65 -27.73
CA CYS C 61 -0.40 11.90 -27.48
C CYS C 61 -1.71 11.95 -28.26
N GLN C 62 -2.78 12.40 -27.59
CA GLN C 62 -4.12 12.41 -28.20
C GLN C 62 -4.48 13.75 -28.82
N SER C 63 -3.69 14.77 -28.53
CA SER C 63 -3.90 16.11 -29.08
C SER C 63 -3.97 16.05 -30.61
N PRO C 64 -4.92 16.81 -31.19
CA PRO C 64 -5.16 16.87 -32.64
C PRO C 64 -3.87 17.07 -33.46
N ASP C 65 -3.61 16.13 -34.35
CA ASP C 65 -2.47 16.19 -35.25
C ASP C 65 -1.13 16.33 -34.52
N CYS C 66 -0.97 15.59 -33.43
CA CYS C 66 0.28 15.56 -32.69
C CYS C 66 0.85 14.14 -32.66
N PRO C 67 2.09 13.98 -33.16
CA PRO C 67 2.78 12.70 -33.23
C PRO C 67 3.67 12.47 -32.00
N GLY C 68 3.62 13.36 -31.03
CA GLY C 68 4.53 13.28 -29.90
C GLY C 68 4.36 12.01 -29.10
N THR C 69 5.49 11.40 -28.72
CA THR C 69 5.47 10.15 -27.98
C THR C 69 6.11 10.23 -26.58
N ARG C 70 6.95 11.22 -26.36
CA ARG C 70 7.70 11.32 -25.10
C ARG C 70 6.87 11.71 -23.89
N ALA C 71 7.13 11.06 -22.76
CA ALA C 71 6.45 11.39 -21.51
C ALA C 71 7.27 12.39 -20.68
N GLU C 72 6.70 13.56 -20.41
CA GLU C 72 7.33 14.53 -19.51
C GLU C 72 6.58 14.59 -18.18
N PHE C 73 7.20 14.07 -17.12
CA PHE C 73 6.60 14.15 -15.79
C PHE C 73 7.02 15.42 -15.06
N PHE C 74 6.08 15.98 -14.30
CA PHE C 74 6.40 17.10 -13.42
C PHE C 74 5.54 17.06 -12.16
N PHE C 75 5.95 17.78 -11.13
CA PHE C 75 5.19 17.81 -9.88
C PHE C 75 4.61 19.19 -9.60
N LYS C 76 3.49 19.21 -8.89
CA LYS C 76 2.86 20.48 -8.51
C LYS C 76 2.54 20.42 -7.03
N CYS C 77 2.58 21.57 -6.36
CA CYS C 77 2.19 21.63 -4.97
C CYS C 77 0.70 21.31 -4.90
N GLY C 78 0.29 20.53 -3.90
CA GLY C 78 -1.10 20.13 -3.79
C GLY C 78 -1.89 20.87 -2.74
N ALA C 79 -1.30 21.91 -2.14
CA ALA C 79 -1.93 22.59 -1.01
C ALA C 79 -2.84 23.75 -1.45
N HIS C 80 -3.05 23.87 -2.75
CA HIS C 80 -3.84 24.97 -3.31
C HIS C 80 -3.90 24.80 -4.81
N PRO C 81 -4.85 25.48 -5.47
CA PRO C 81 -4.92 25.42 -6.93
C PRO C 81 -3.61 25.91 -7.53
N THR C 82 -3.23 25.34 -8.68
CA THR C 82 -1.98 25.69 -9.34
C THR C 82 -2.09 25.57 -10.85
N SER C 83 -1.53 26.56 -11.56
CA SER C 83 -1.34 26.45 -12.99
C SER C 83 -0.46 25.26 -13.31
N ASP C 84 -0.64 24.69 -14.50
CA ASP C 84 0.13 23.51 -14.91
C ASP C 84 1.57 23.86 -15.26
N LYS C 85 1.84 25.15 -15.42
CA LYS C 85 3.22 25.59 -15.60
C LYS C 85 3.87 25.89 -14.24
N ASP C 86 3.10 25.76 -13.16
CA ASP C 86 3.61 26.10 -11.83
C ASP C 86 4.16 24.87 -11.12
N THR C 87 5.31 24.42 -11.60
CA THR C 87 5.92 23.20 -11.13
C THR C 87 6.75 23.39 -9.85
N SER C 88 7.03 22.27 -9.20
CA SER C 88 7.81 22.27 -7.99
C SER C 88 8.71 21.04 -7.98
N VAL C 89 9.92 21.19 -7.47
CA VAL C 89 10.84 20.07 -7.42
C VAL C 89 10.33 19.02 -6.45
N ALA C 90 10.48 17.75 -6.83
CA ALA C 90 10.09 16.66 -5.98
C ALA C 90 11.21 16.36 -4.99
N LEU C 91 10.84 16.16 -3.73
CA LEU C 91 11.79 15.71 -2.73
C LEU C 91 11.71 14.18 -2.68
N ASN C 92 12.45 13.51 -3.57
CA ASN C 92 12.27 12.07 -3.82
C ASN C 92 12.81 11.10 -2.76
N LEU C 93 13.33 11.61 -1.66
CA LEU C 93 13.75 10.72 -0.57
C LEU C 93 12.65 10.70 0.46
N ILE C 94 11.68 11.59 0.31
CA ILE C 94 10.60 11.67 1.27
C ILE C 94 9.46 10.74 0.88
N THR C 95 9.07 9.90 1.84
CA THR C 95 8.16 8.81 1.60
C THR C 95 6.99 8.87 2.56
N ASN C 96 5.82 8.40 2.10
CA ASN C 96 4.69 8.12 2.95
C ASN C 96 5.09 7.02 3.94
N ASN C 97 4.89 7.22 5.23
CA ASN C 97 5.26 6.19 6.22
C ASN C 97 4.15 5.16 6.45
N SER C 98 3.69 4.58 5.35
CA SER C 98 2.67 3.54 5.37
C SER C 98 3.10 2.27 6.11
N ARG C 99 4.38 1.93 6.07
CA ARG C 99 4.88 0.75 6.79
C ARG C 99 5.01 1.01 8.29
N SER C 100 4.84 2.27 8.69
CA SER C 100 4.98 2.67 10.09
C SER C 100 6.33 2.31 10.69
N ILE C 101 7.41 2.75 10.05
CA ILE C 101 8.77 2.53 10.53
C ILE C 101 9.16 3.63 11.51
N PRO C 102 9.72 3.25 12.68
CA PRO C 102 10.16 4.23 13.69
C PRO C 102 11.34 5.10 13.22
N CYS C 103 11.37 6.35 13.68
CA CYS C 103 12.45 7.26 13.35
C CYS C 103 13.78 6.79 13.95
N ILE C 104 14.84 6.88 13.16
CA ILE C 104 16.16 6.45 13.60
C ILE C 104 16.69 7.24 14.81
N ALA C 105 16.20 8.46 14.99
CA ALA C 105 16.78 9.34 16.00
C ALA C 105 15.88 9.57 17.21
N CYS C 106 14.57 9.54 17.00
CA CYS C 106 13.65 9.78 18.10
C CYS C 106 12.79 8.55 18.40
N THR C 107 12.85 7.54 17.52
CA THR C 107 12.07 6.30 17.63
C THR C 107 10.55 6.46 17.62
N ASP C 108 10.05 7.60 17.16
CA ASP C 108 8.61 7.78 17.01
C ASP C 108 8.13 7.37 15.61
N VAL C 109 6.86 7.02 15.49
CA VAL C 109 6.29 6.76 14.17
C VAL C 109 5.64 8.03 13.64
N ARG C 110 6.32 8.70 12.72
CA ARG C 110 5.84 9.95 12.18
C ARG C 110 5.61 9.80 10.69
N ASN C 111 4.97 10.80 10.10
CA ASN C 111 4.62 10.74 8.70
C ASN C 111 4.60 12.17 8.16
N PRO C 112 5.27 12.41 7.03
CA PRO C 112 6.05 11.41 6.30
C PRO C 112 7.45 11.31 6.86
N VAL C 113 8.31 10.58 6.17
CA VAL C 113 9.68 10.39 6.62
C VAL C 113 10.66 10.50 5.45
N LEU C 114 11.91 10.79 5.77
CA LEU C 114 12.96 10.80 4.75
C LEU C 114 13.71 9.48 4.87
N VAL C 115 13.77 8.73 3.77
CA VAL C 115 14.53 7.47 3.76
C VAL C 115 15.81 7.58 2.93
N PHE C 116 16.95 7.52 3.61
CA PHE C 116 18.26 7.60 2.95
C PHE C 116 18.48 6.48 1.94
N GLN C 117 19.42 6.70 1.02
CA GLN C 117 19.74 5.72 0.00
C GLN C 117 20.97 4.91 0.37
N CYS C 118 21.19 4.74 1.67
CA CYS C 118 22.29 3.91 2.13
C CYS C 118 21.93 2.45 1.96
N ASN C 119 22.81 1.57 2.42
CA ASN C 119 22.60 0.15 2.32
C ASN C 119 21.32 -0.30 3.03
N HIS C 120 21.28 -0.13 4.36
CA HIS C 120 20.13 -0.53 5.15
C HIS C 120 18.90 0.36 4.92
N ARG C 121 19.07 1.42 4.13
CA ARG C 121 18.01 2.38 3.85
C ARG C 121 17.36 2.88 5.15
N HIS C 122 18.11 3.68 5.91
CA HIS C 122 17.64 4.17 7.20
C HIS C 122 16.57 5.25 7.08
N VAL C 123 15.63 5.24 8.02
CA VAL C 123 14.49 6.14 7.98
C VAL C 123 14.66 7.20 9.06
N ILE C 124 14.38 8.46 8.72
CA ILE C 124 14.40 9.54 9.70
C ILE C 124 13.21 10.48 9.50
N CYS C 125 12.61 10.92 10.60
CA CYS C 125 11.44 11.80 10.50
C CYS C 125 11.91 13.22 10.17
N LEU C 126 11.02 14.04 9.59
CA LEU C 126 11.41 15.37 9.13
C LEU C 126 11.93 16.31 10.23
N ASP C 127 11.40 16.21 11.44
CA ASP C 127 11.89 17.04 12.54
C ASP C 127 13.35 16.72 12.86
N CYS C 128 13.67 15.43 13.01
CA CYS C 128 15.04 15.03 13.31
C CYS C 128 15.97 15.31 12.15
N PHE C 129 15.43 15.35 10.94
CA PHE C 129 16.27 15.67 9.80
C PHE C 129 16.61 17.15 9.81
N HIS C 130 15.65 17.97 10.24
CA HIS C 130 15.89 19.41 10.37
C HIS C 130 17.02 19.63 11.37
N LEU C 131 16.85 19.07 12.56
CA LEU C 131 17.82 19.19 13.63
C LEU C 131 19.19 18.67 13.21
N TYR C 132 19.20 17.60 12.42
CA TYR C 132 20.44 17.02 11.92
C TYR C 132 21.20 17.99 11.00
N CYS C 133 20.50 18.55 10.01
CA CYS C 133 21.12 19.47 9.06
C CYS C 133 21.60 20.74 9.75
N VAL C 134 20.73 21.32 10.56
CA VAL C 134 21.04 22.55 11.28
C VAL C 134 22.27 22.39 12.18
N THR C 135 22.32 21.29 12.93
CA THR C 135 23.48 20.96 13.74
C THR C 135 24.74 20.85 12.88
N ARG C 136 24.64 20.15 11.76
CA ARG C 136 25.78 20.01 10.88
C ARG C 136 26.20 21.33 10.27
N LEU C 137 25.24 22.22 10.03
CA LEU C 137 25.53 23.56 9.54
C LEU C 137 26.37 24.30 10.55
N ASN C 138 25.84 24.41 11.76
CA ASN C 138 26.51 25.08 12.87
C ASN C 138 27.94 24.61 13.11
N ASP C 139 28.17 23.30 12.98
CA ASP C 139 29.47 22.73 13.27
C ASP C 139 30.35 22.70 12.03
N ARG C 140 29.85 23.29 10.95
CA ARG C 140 30.56 23.31 9.67
C ARG C 140 31.03 21.90 9.31
N GLN C 141 30.10 20.95 9.35
CA GLN C 141 30.41 19.55 9.09
C GLN C 141 29.74 18.98 7.84
N PHE C 142 29.51 19.83 6.86
CA PHE C 142 28.96 19.35 5.59
C PHE C 142 30.07 18.70 4.76
N VAL C 143 29.69 17.71 3.97
CA VAL C 143 30.64 16.98 3.17
C VAL C 143 30.72 17.60 1.79
N HIS C 144 31.93 17.90 1.33
CA HIS C 144 32.06 18.48 0.01
C HIS C 144 32.12 17.39 -1.04
N ASP C 145 31.03 17.21 -1.77
CA ASP C 145 31.03 16.33 -2.92
C ASP C 145 31.65 17.08 -4.10
N ALA C 146 32.89 16.74 -4.40
CA ALA C 146 33.69 17.43 -5.41
C ALA C 146 32.93 17.62 -6.72
N GLN C 147 32.15 16.63 -7.10
CA GLN C 147 31.35 16.72 -8.32
C GLN C 147 30.23 17.76 -8.20
N LEU C 148 29.34 17.60 -7.22
CA LEU C 148 28.23 18.56 -7.06
C LEU C 148 28.01 19.03 -5.62
N GLY C 149 28.52 20.23 -5.32
CA GLY C 149 28.22 20.94 -4.07
C GLY C 149 28.48 20.26 -2.73
N TYR C 150 27.82 20.78 -1.71
CA TYR C 150 27.95 20.30 -0.34
C TYR C 150 26.70 19.53 0.09
N SER C 151 26.91 18.40 0.77
CA SER C 151 25.78 17.59 1.20
C SER C 151 26.02 16.86 2.51
N LEU C 152 25.04 16.05 2.92
CA LEU C 152 25.19 15.19 4.08
C LEU C 152 24.87 13.75 3.71
N PRO C 153 25.45 12.79 4.43
CA PRO C 153 25.16 11.37 4.23
C PRO C 153 24.14 10.94 5.28
N CYS C 154 23.76 9.67 5.26
CA CYS C 154 22.94 9.07 6.31
C CYS C 154 23.44 9.45 7.71
N VAL C 155 22.51 9.67 8.62
CA VAL C 155 22.83 10.12 9.98
C VAL C 155 23.56 9.04 10.80
N ALA C 156 23.54 7.81 10.30
CA ALA C 156 24.22 6.71 10.98
C ALA C 156 25.68 6.65 10.55
N GLY C 157 26.00 7.27 9.42
CA GLY C 157 27.36 7.35 8.96
C GLY C 157 27.69 6.32 7.91
N CYS C 158 26.65 5.75 7.29
CA CYS C 158 26.85 4.74 6.26
C CYS C 158 27.62 5.31 5.07
N PRO C 159 28.26 4.44 4.29
CA PRO C 159 28.92 4.88 3.05
C PRO C 159 27.93 4.90 1.90
N ASN C 160 28.30 5.58 0.82
CA ASN C 160 27.48 5.68 -0.38
C ASN C 160 26.07 6.15 -0.07
N SER C 161 25.96 7.19 0.75
CA SER C 161 24.66 7.69 1.16
C SER C 161 24.51 9.20 1.07
N LEU C 162 25.44 9.86 0.39
CA LEU C 162 25.37 11.32 0.22
C LEU C 162 24.10 11.72 -0.51
N ILE C 163 23.36 12.67 0.05
CA ILE C 163 22.17 13.15 -0.63
C ILE C 163 22.54 13.84 -1.94
N LYS C 164 21.93 13.40 -3.03
CA LYS C 164 22.29 13.92 -4.35
C LYS C 164 21.31 14.97 -4.84
N GLU C 165 20.12 14.97 -4.26
CA GLU C 165 19.08 15.92 -4.64
C GLU C 165 19.07 17.05 -3.62
N LEU C 166 19.91 18.07 -3.86
CA LEU C 166 20.25 19.03 -2.83
C LEU C 166 19.06 19.88 -2.42
N HIS C 167 18.00 19.85 -3.24
CA HIS C 167 16.77 20.55 -2.91
C HIS C 167 16.17 20.03 -1.61
N HIS C 168 16.57 18.82 -1.22
CA HIS C 168 16.12 18.25 0.05
C HIS C 168 16.50 19.15 1.22
N PHE C 169 17.55 19.94 1.05
CA PHE C 169 17.95 20.84 2.12
C PHE C 169 16.98 22.02 2.32
N ARG C 170 16.07 22.23 1.39
N ARG C 170 16.07 22.24 1.38
CA ARG C 170 15.06 23.29 1.52
CA ARG C 170 15.04 23.28 1.50
C ARG C 170 14.11 23.08 2.71
C ARG C 170 14.12 23.08 2.72
N ILE C 171 14.11 21.86 3.25
CA ILE C 171 13.36 21.55 4.46
C ILE C 171 13.87 22.36 5.66
N LEU C 172 15.08 22.89 5.53
CA LEU C 172 15.62 23.78 6.54
C LEU C 172 14.75 25.00 6.72
N GLY C 173 14.02 25.39 5.67
CA GLY C 173 13.30 26.64 5.69
C GLY C 173 14.19 27.72 5.11
N GLU C 174 13.58 28.83 4.71
CA GLU C 174 14.30 29.84 3.91
C GLU C 174 15.61 30.35 4.49
N GLU C 175 15.58 30.87 5.71
CA GLU C 175 16.80 31.41 6.31
C GLU C 175 17.93 30.39 6.35
N GLN C 176 17.65 29.20 6.89
CA GLN C 176 18.68 28.19 7.05
C GLN C 176 19.13 27.62 5.72
N TYR C 177 18.19 27.43 4.81
CA TYR C 177 18.56 26.96 3.48
C TYR C 177 19.48 27.97 2.82
N ASN C 178 19.11 29.25 2.91
CA ASN C 178 19.96 30.31 2.40
C ASN C 178 21.37 30.27 2.99
N ARG C 179 21.43 30.12 4.31
CA ARG C 179 22.69 29.88 4.99
C ARG C 179 23.39 28.66 4.43
N TYR C 180 22.63 27.62 4.09
CA TYR C 180 23.22 26.43 3.50
C TYR C 180 23.82 26.71 2.12
N GLN C 181 23.17 27.57 1.35
CA GLN C 181 23.69 27.87 0.01
CA GLN C 181 23.66 27.90 0.02
C GLN C 181 24.98 28.68 0.11
N GLN C 182 25.09 29.49 1.15
CA GLN C 182 26.28 30.30 1.39
C GLN C 182 27.45 29.52 1.98
N TYR C 183 27.27 28.21 2.15
CA TYR C 183 28.31 27.36 2.74
C TYR C 183 29.61 27.45 1.96
N GLY C 184 29.53 27.28 0.64
CA GLY C 184 30.69 27.36 -0.21
C GLY C 184 31.38 28.71 -0.13
N ALA C 185 30.59 29.79 -0.12
CA ALA C 185 31.16 31.13 0.01
C ALA C 185 31.81 31.34 1.37
N GLU C 186 31.24 30.74 2.41
CA GLU C 186 31.87 30.75 3.73
C GLU C 186 33.15 29.90 3.77
N GLU C 187 33.18 28.82 2.99
CA GLU C 187 34.37 27.99 2.92
C GLU C 187 35.55 28.74 2.29
N CYS C 188 35.28 29.43 1.18
CA CYS C 188 36.31 30.28 0.56
C CYS C 188 36.83 31.35 1.51
N VAL C 189 35.94 31.92 2.31
CA VAL C 189 36.34 32.98 3.23
C VAL C 189 37.38 32.46 4.22
N LEU C 190 37.13 31.29 4.79
CA LEU C 190 38.05 30.68 5.74
C LEU C 190 39.38 30.30 5.10
N GLN C 191 39.32 29.73 3.90
CA GLN C 191 40.52 29.30 3.21
C GLN C 191 41.39 30.46 2.79
N MET C 192 40.78 31.63 2.73
CA MET C 192 41.51 32.86 2.48
C MET C 192 41.96 33.50 3.79
N GLY C 193 41.76 32.77 4.88
CA GLY C 193 42.21 33.20 6.19
C GLY C 193 41.23 34.02 7.00
N GLY C 194 40.05 34.27 6.44
CA GLY C 194 39.02 35.04 7.12
C GLY C 194 38.38 34.31 8.30
N VAL C 195 37.38 34.95 8.89
CA VAL C 195 36.62 34.36 9.99
C VAL C 195 35.16 34.78 9.89
N LEU C 196 34.25 33.92 10.36
CA LEU C 196 32.81 34.20 10.33
C LEU C 196 32.34 34.84 11.61
N CYS C 197 31.56 35.91 11.50
CA CYS C 197 30.95 36.52 12.68
C CYS C 197 30.14 35.46 13.41
N PRO C 198 30.40 35.28 14.70
CA PRO C 198 29.75 34.18 15.42
C PRO C 198 28.27 34.48 15.76
N ARG C 199 27.78 35.67 15.44
CA ARG C 199 26.39 36.03 15.74
C ARG C 199 25.40 35.51 14.67
N PRO C 200 24.43 34.68 15.08
CA PRO C 200 23.54 33.93 14.17
C PRO C 200 22.61 34.81 13.35
N GLY C 201 22.32 36.02 13.80
CA GLY C 201 21.50 36.94 13.02
C GLY C 201 22.32 37.67 11.98
N CYS C 202 23.64 37.54 12.05
CA CYS C 202 24.54 38.17 11.10
C CYS C 202 25.26 37.13 10.23
N GLY C 203 26.14 36.36 10.86
CA GLY C 203 26.89 35.31 10.18
C GLY C 203 27.62 35.75 8.93
N ALA C 204 28.16 36.97 8.96
CA ALA C 204 28.88 37.54 7.83
C ALA C 204 30.24 36.86 7.67
N GLY C 205 30.74 36.84 6.44
CA GLY C 205 32.09 36.37 6.19
C GLY C 205 33.08 37.53 6.23
N LEU C 206 33.90 37.55 7.26
CA LEU C 206 34.85 38.65 7.46
C LEU C 206 36.25 38.34 6.94
N LEU C 207 36.81 39.27 6.16
CA LEU C 207 38.19 39.17 5.70
C LEU C 207 38.99 40.36 6.19
N PRO C 208 39.35 40.37 7.49
CA PRO C 208 40.14 41.51 7.98
C PRO C 208 41.58 41.45 7.46
N GLU C 209 42.26 42.59 7.46
CA GLU C 209 43.60 42.69 6.88
C GLU C 209 44.63 41.86 7.63
N GLN C 210 44.75 42.09 8.93
CA GLN C 210 45.71 41.34 9.75
C GLN C 210 45.03 40.17 10.46
N GLY C 211 45.84 39.32 11.08
CA GLY C 211 45.28 38.19 11.80
C GLY C 211 45.14 38.43 13.29
N GLN C 212 45.02 39.70 13.69
CA GLN C 212 44.94 40.05 15.10
C GLN C 212 43.75 39.38 15.79
N ARG C 213 43.93 39.04 17.06
CA ARG C 213 42.90 38.39 17.86
C ARG C 213 41.63 39.23 17.92
N LYS C 214 41.79 40.56 17.90
CA LYS C 214 40.64 41.45 17.96
C LYS C 214 39.98 41.55 16.58
N VAL C 215 38.71 41.20 16.51
CA VAL C 215 37.97 41.29 15.26
C VAL C 215 36.69 42.10 15.40
N THR C 216 36.47 43.02 14.47
CA THR C 216 35.24 43.79 14.43
C THR C 216 34.42 43.39 13.20
N CYS C 217 33.15 43.08 13.41
CA CYS C 217 32.30 42.72 12.28
C CYS C 217 31.89 43.96 11.48
N GLU C 218 32.38 44.06 10.25
CA GLU C 218 32.01 45.15 9.36
CA GLU C 218 32.04 45.15 9.35
C GLU C 218 31.23 44.63 8.16
N GLY C 219 30.75 43.40 8.26
CA GLY C 219 29.85 42.80 7.29
C GLY C 219 30.44 42.32 5.98
N GLY C 220 31.74 42.47 5.81
CA GLY C 220 32.36 42.16 4.55
C GLY C 220 31.82 43.05 3.46
N ASN C 221 31.22 42.43 2.46
CA ASN C 221 30.58 43.17 1.38
C ASN C 221 29.24 43.77 1.81
N GLY C 222 28.69 43.24 2.90
CA GLY C 222 27.47 43.78 3.47
C GLY C 222 27.72 44.60 4.72
N LEU C 223 26.64 44.92 5.42
CA LEU C 223 26.70 45.75 6.61
C LEU C 223 26.90 44.87 7.84
N GLY C 224 27.84 45.24 8.70
CA GLY C 224 28.17 44.41 9.85
C GLY C 224 27.29 44.67 11.05
N CYS C 225 27.34 43.77 12.02
CA CYS C 225 26.57 43.96 13.25
C CYS C 225 27.38 44.73 14.28
N GLY C 226 28.61 45.07 13.91
CA GLY C 226 29.49 45.86 14.74
C GLY C 226 29.97 45.13 15.98
N PHE C 227 29.83 43.80 16.01
CA PHE C 227 30.30 43.01 17.13
C PHE C 227 31.83 42.97 17.16
N VAL C 228 32.40 43.14 18.35
CA VAL C 228 33.83 43.02 18.53
C VAL C 228 34.09 41.76 19.34
N PHE C 229 34.83 40.82 18.75
CA PHE C 229 35.04 39.53 19.39
C PHE C 229 36.46 39.02 19.30
N CYS C 230 36.80 38.06 20.16
CA CYS C 230 38.09 37.41 20.13
C CYS C 230 38.12 36.33 19.06
N ARG C 231 39.09 36.42 18.17
CA ARG C 231 39.16 35.54 17.01
C ARG C 231 39.30 34.05 17.38
N ASP C 232 39.77 33.78 18.60
CA ASP C 232 40.05 32.40 19.02
C ASP C 232 38.87 31.70 19.67
N CYS C 233 38.30 32.31 20.71
CA CYS C 233 37.19 31.70 21.42
C CYS C 233 35.83 32.17 20.87
N LYS C 234 35.87 33.16 19.98
CA LYS C 234 34.68 33.72 19.35
C LYS C 234 33.68 34.31 20.36
N GLU C 235 34.17 34.59 21.56
CA GLU C 235 33.39 35.29 22.58
C GLU C 235 33.68 36.79 22.46
N ALA C 236 32.95 37.60 23.21
CA ALA C 236 33.17 39.05 23.20
C ALA C 236 34.62 39.35 23.56
N TYR C 237 35.22 40.32 22.85
CA TYR C 237 36.64 40.60 22.97
C TYR C 237 37.06 40.93 24.40
N HIS C 238 38.11 40.27 24.87
CA HIS C 238 38.57 40.40 26.24
C HIS C 238 40.04 40.86 26.29
N GLU C 239 40.59 40.93 27.50
CA GLU C 239 41.99 41.32 27.69
C GLU C 239 42.87 40.13 28.06
N GLY C 240 42.34 39.26 28.92
CA GLY C 240 43.09 38.13 29.41
C GLY C 240 43.15 36.96 28.43
N GLU C 241 42.90 35.77 28.94
CA GLU C 241 42.92 34.58 28.10
C GLU C 241 41.51 34.06 27.88
N CYS C 242 41.39 33.03 27.04
CA CYS C 242 40.11 32.41 26.74
C CYS C 242 39.93 31.20 27.64
N ASP C 243 38.68 30.88 27.98
CA ASP C 243 38.40 29.65 28.72
C ASP C 243 38.39 28.43 27.79
N ARG C 257 26.19 9.36 17.55
CA ARG C 257 25.04 10.00 18.17
C ARG C 257 23.81 9.10 18.13
N VAL C 258 23.85 8.07 17.29
CA VAL C 258 22.68 7.24 16.99
C VAL C 258 22.74 5.82 17.56
N ASP C 259 21.72 5.45 18.33
CA ASP C 259 21.65 4.12 18.96
C ASP C 259 21.47 2.99 17.94
N GLN C 260 22.22 1.91 18.13
CA GLN C 260 22.21 0.77 17.23
C GLN C 260 20.83 0.12 17.10
N ARG C 261 20.18 -0.08 18.24
CA ARG C 261 18.84 -0.63 18.31
C ARG C 261 17.85 0.19 17.44
N ALA C 262 17.83 1.50 17.65
CA ALA C 262 17.00 2.41 16.86
C ALA C 262 17.32 2.35 15.37
N ALA C 263 18.61 2.27 15.06
CA ALA C 263 19.07 2.22 13.68
C ALA C 263 18.75 0.88 13.02
N GLU C 264 18.57 -0.16 13.82
CA GLU C 264 18.21 -1.47 13.30
C GLU C 264 16.72 -1.49 13.01
N GLN C 265 15.95 -0.83 13.88
CA GLN C 265 14.52 -0.68 13.69
C GLN C 265 14.16 0.20 12.49
N ALA C 266 14.91 1.29 12.32
CA ALA C 266 14.61 2.24 11.27
C ALA C 266 15.24 1.87 9.95
N ARG C 267 14.75 0.77 9.37
CA ARG C 267 15.21 0.32 8.06
C ARG C 267 13.98 0.23 7.19
N TRP C 268 14.08 0.71 5.95
CA TRP C 268 12.88 0.77 5.13
C TRP C 268 12.31 -0.61 4.79
N GLU C 269 13.15 -1.53 4.30
CA GLU C 269 12.70 -2.87 3.95
C GLU C 269 12.91 -3.93 5.05
N THR C 279 2.05 -9.96 -2.87
CA THR C 279 2.32 -9.96 -4.30
C THR C 279 1.03 -9.82 -5.14
N THR C 280 -0.12 -10.13 -4.54
CA THR C 280 -1.38 -10.12 -5.27
C THR C 280 -2.61 -9.69 -4.45
N LYS C 281 -3.59 -9.09 -5.12
CA LYS C 281 -4.90 -8.82 -4.52
C LYS C 281 -6.00 -9.23 -5.50
N PRO C 282 -7.20 -9.50 -4.98
CA PRO C 282 -8.35 -9.81 -5.86
C PRO C 282 -9.08 -8.56 -6.35
N CYS C 283 -9.50 -8.58 -7.61
CA CYS C 283 -10.24 -7.47 -8.22
C CYS C 283 -11.51 -7.12 -7.46
N PRO C 284 -11.62 -5.90 -6.98
CA PRO C 284 -12.71 -5.56 -6.06
C PRO C 284 -14.06 -5.83 -6.70
N ARG C 285 -14.24 -5.45 -7.95
CA ARG C 285 -15.49 -5.77 -8.65
C ARG C 285 -15.75 -7.26 -8.91
N CYS C 286 -14.73 -7.96 -9.39
CA CYS C 286 -14.92 -9.35 -9.81
C CYS C 286 -14.14 -10.38 -9.00
N ASN C 287 -13.39 -9.93 -8.00
CA ASN C 287 -12.72 -10.82 -7.08
C ASN C 287 -11.78 -11.82 -7.75
N VAL C 288 -11.11 -11.41 -8.81
CA VAL C 288 -10.18 -12.29 -9.49
C VAL C 288 -8.75 -11.84 -9.18
N PRO C 289 -7.92 -12.81 -8.62
CA PRO C 289 -6.62 -12.29 -8.17
C PRO C 289 -5.77 -11.75 -9.32
N ILE C 290 -5.04 -10.68 -9.04
CA ILE C 290 -4.16 -10.08 -10.02
C ILE C 290 -2.87 -9.61 -9.34
N GLU C 291 -1.76 -9.69 -10.07
CA GLU C 291 -0.46 -9.34 -9.53
C GLU C 291 -0.06 -7.91 -9.86
N LYS C 292 0.65 -7.27 -8.95
CA LYS C 292 1.05 -5.88 -9.12
C LYS C 292 2.34 -5.74 -9.92
N ASN C 293 2.38 -4.71 -10.77
CA ASN C 293 3.55 -4.40 -11.59
C ASN C 293 4.48 -3.46 -10.87
N GLY C 294 5.14 -3.96 -9.82
CA GLY C 294 6.02 -3.14 -9.02
C GLY C 294 5.24 -2.09 -8.26
N GLY C 295 5.80 -0.88 -8.22
CA GLY C 295 5.23 0.21 -7.45
C GLY C 295 3.97 0.84 -8.03
N CYS C 296 3.64 0.53 -9.28
CA CYS C 296 2.46 1.15 -9.89
C CYS C 296 1.16 0.74 -9.20
N MET C 297 0.30 1.72 -8.96
CA MET C 297 -0.95 1.50 -8.25
C MET C 297 -2.09 1.27 -9.23
N HIS C 298 -1.85 1.57 -10.51
CA HIS C 298 -2.86 1.44 -11.54
C HIS C 298 -3.05 -0.02 -11.95
N MET C 299 -4.16 -0.61 -11.54
CA MET C 299 -4.43 -2.00 -11.77
C MET C 299 -5.48 -2.18 -12.86
N LYS C 300 -5.20 -3.06 -13.82
CA LYS C 300 -6.13 -3.35 -14.91
C LYS C 300 -6.52 -4.81 -14.87
N CYS C 301 -7.75 -5.10 -14.47
CA CYS C 301 -8.19 -6.49 -14.48
C CYS C 301 -8.39 -6.97 -15.93
N PRO C 302 -7.77 -8.12 -16.26
CA PRO C 302 -7.76 -8.69 -17.61
C PRO C 302 -9.07 -9.41 -17.99
N GLN C 303 -9.89 -9.76 -17.00
CA GLN C 303 -11.20 -10.38 -17.24
C GLN C 303 -12.08 -9.52 -18.12
N PRO C 304 -12.42 -10.02 -19.32
CA PRO C 304 -13.14 -9.21 -20.33
C PRO C 304 -14.56 -8.84 -19.91
N GLN C 305 -15.17 -9.68 -19.07
CA GLN C 305 -16.45 -9.38 -18.44
C GLN C 305 -16.37 -8.21 -17.44
N CYS C 306 -15.30 -8.18 -16.66
CA CYS C 306 -15.16 -7.20 -15.59
C CYS C 306 -14.42 -5.95 -16.04
N LYS C 307 -13.17 -6.12 -16.44
CA LYS C 307 -12.38 -5.02 -16.99
C LYS C 307 -12.31 -3.80 -16.08
N LEU C 308 -12.26 -4.02 -14.77
CA LEU C 308 -12.21 -2.93 -13.81
C LEU C 308 -10.81 -2.37 -13.68
N GLU C 309 -10.67 -1.05 -13.83
CA GLU C 309 -9.41 -0.40 -13.51
C GLU C 309 -9.50 0.18 -12.10
N TRP C 310 -8.53 -0.14 -11.26
CA TRP C 310 -8.64 0.24 -9.84
C TRP C 310 -7.31 0.55 -9.18
N CYS C 311 -7.38 1.19 -8.02
CA CYS C 311 -6.18 1.59 -7.30
C CYS C 311 -5.81 0.55 -6.27
N TRP C 312 -4.61 0.00 -6.42
CA TRP C 312 -4.08 -0.98 -5.49
C TRP C 312 -4.25 -0.53 -4.04
N ASN C 313 -3.86 0.70 -3.74
CA ASN C 313 -3.90 1.16 -2.36
C ASN C 313 -5.31 1.46 -1.84
N CYS C 314 -6.06 2.22 -2.62
CA CYS C 314 -7.40 2.65 -2.21
C CYS C 314 -8.50 1.61 -2.40
N GLY C 315 -8.31 0.70 -3.36
CA GLY C 315 -9.34 -0.25 -3.71
C GLY C 315 -10.57 0.34 -4.41
N CYS C 316 -10.43 1.53 -4.97
CA CYS C 316 -11.53 2.23 -5.62
C CYS C 316 -11.30 2.25 -7.13
N GLU C 317 -12.33 2.60 -7.90
CA GLU C 317 -12.19 2.77 -9.35
C GLU C 317 -11.02 3.71 -9.62
N TRP C 318 -10.30 3.49 -10.70
CA TRP C 318 -9.12 4.30 -11.02
C TRP C 318 -9.54 5.72 -11.41
N ASN C 319 -8.80 6.72 -10.93
CA ASN C 319 -9.19 8.11 -11.10
C ASN C 319 -8.01 9.07 -11.05
N ARG C 320 -8.26 10.32 -11.42
CA ARG C 320 -7.18 11.30 -11.55
C ARG C 320 -6.61 11.70 -10.22
N ALA C 321 -7.43 11.67 -9.17
CA ALA C 321 -6.93 11.93 -7.82
C ALA C 321 -5.91 10.88 -7.41
N CYS C 322 -6.15 9.62 -7.73
CA CYS C 322 -5.18 8.58 -7.38
C CYS C 322 -3.90 8.63 -8.22
N MET C 323 -4.00 9.13 -9.45
CA MET C 323 -2.83 9.34 -10.30
C MET C 323 -1.94 10.41 -9.69
N GLY C 324 -2.54 11.51 -9.25
CA GLY C 324 -1.78 12.64 -8.78
C GLY C 324 -1.19 12.38 -7.41
N ASP C 325 -2.01 11.88 -6.50
CA ASP C 325 -1.56 11.60 -5.15
C ASP C 325 -0.56 10.44 -5.03
N HIS C 326 -0.82 9.35 -5.74
CA HIS C 326 0.04 8.18 -5.67
C HIS C 326 -0.07 7.32 -6.90
N TRP C 327 0.45 7.79 -8.02
CA TRP C 327 0.39 6.99 -9.23
C TRP C 327 1.14 5.74 -8.97
N PHE C 328 2.24 5.89 -8.25
CA PHE C 328 3.02 4.77 -7.74
C PHE C 328 3.41 5.05 -6.29
N ASP C 329 4.00 4.06 -5.62
N ASP C 329 4.03 4.05 -5.66
CA ASP C 329 4.67 4.31 -4.35
CA ASP C 329 4.68 4.30 -4.38
C ASP C 329 5.91 3.44 -4.19
C ASP C 329 5.96 3.47 -4.26
N VAL C 330 6.80 3.86 -3.30
CA VAL C 330 8.02 3.10 -3.04
C VAL C 330 7.82 2.22 -1.80
#